data_8X92
#
_entry.id   8X92
#
_cell.length_a   53.727
_cell.length_b   136.467
_cell.length_c   148.574
_cell.angle_alpha   90.00
_cell.angle_beta   90.00
_cell.angle_gamma   90.00
#
_symmetry.space_group_name_H-M   'P 21 21 21'
#
loop_
_entity.id
_entity.type
_entity.pdbx_description
1 polymer 'Rho-associated protein kinase 2'
2 non-polymer ~{N}-methyl-3-[[6-(2-methylpyrazol-3-yl)-1-oxidanylidene-isoquinolin-2-yl]methyl]benzamide
3 non-polymer 'SULFATE ION'
4 water water
#
_entity_poly.entity_id   1
_entity_poly.type   'polypeptide(L)'
_entity_poly.pdbx_seq_one_letter_code
;QRKLEALIRDPRSPINVESLLDGLNSLVLDLDFPALRKNKNIDNFLNRYEKIVKKIRGLQMKAEDYDVVKVIGRGAFGEV
QLVRHKASQKVYAMKLLSKFEMIKRSDSAFFWEERDIMAFANSPWVVQLFYAFQDDRYLYMVMEYMPGGDLVNLMSNYDV
PEKWAKFYTAEVVLALDAIHSMGLIHRDVKPDNMLLDKHGHLKLADFGTCMKMDETGMVHCDTAVGTPDYISPEVLKSQG
GDGFYGRECDWWSVGVFLYEMLVGDTPFYADSLVGTYSKIMDHKNSLCFPEDAEISKHAKNLICAFLTDREVRLGRNGVE
EIRQHPFFKNDQWHWDNIRETAAPVVPELSSDIDSSNFDDIEDDKGDVETFPIPKAFVGNQLPFIGFTYYR
;
_entity_poly.pdbx_strand_id   A,B
#
# COMPACT_ATOMS: atom_id res chain seq x y z
N LYS A 3 11.51 35.51 -36.43
CA LYS A 3 12.13 34.75 -35.34
C LYS A 3 11.19 33.66 -34.80
N LEU A 4 9.97 33.60 -35.34
CA LEU A 4 8.96 32.63 -34.92
C LEU A 4 9.03 31.30 -35.66
N GLU A 5 9.37 31.31 -36.96
CA GLU A 5 9.43 30.07 -37.74
C GLU A 5 10.51 29.12 -37.23
N ALA A 6 11.40 29.59 -36.36
CA ALA A 6 12.31 28.68 -35.66
C ALA A 6 11.53 27.77 -34.73
N LEU A 7 10.60 28.35 -33.96
CA LEU A 7 9.83 27.58 -32.99
C LEU A 7 8.85 26.61 -33.64
N ILE A 8 8.44 26.84 -34.90
CA ILE A 8 7.61 25.82 -35.53
C ILE A 8 8.45 24.58 -35.83
N ARG A 9 9.73 24.79 -36.16
CA ARG A 9 10.65 23.70 -36.48
C ARG A 9 11.31 23.09 -35.24
N ASP A 10 11.30 23.82 -34.12
CA ASP A 10 12.04 23.41 -32.92
C ASP A 10 11.34 22.28 -32.18
N PRO A 11 11.99 21.11 -32.02
CA PRO A 11 11.32 19.99 -31.34
C PRO A 11 11.08 20.21 -29.86
N ARG A 12 11.78 21.13 -29.21
CA ARG A 12 11.51 21.47 -27.81
C ARG A 12 10.46 22.56 -27.69
N SER A 13 10.00 23.12 -28.82
CA SER A 13 9.06 24.23 -28.82
C SER A 13 7.66 23.81 -28.41
N PRO A 14 6.94 24.67 -27.68
CA PRO A 14 5.51 24.43 -27.45
C PRO A 14 4.63 24.58 -28.68
N ILE A 15 5.10 25.20 -29.77
CA ILE A 15 4.24 25.41 -30.92
C ILE A 15 4.81 24.85 -32.22
N ASN A 16 5.54 23.74 -32.13
CA ASN A 16 5.96 23.04 -33.35
C ASN A 16 4.76 22.37 -34.02
N VAL A 17 4.99 21.81 -35.20
CA VAL A 17 3.90 21.25 -35.97
C VAL A 17 3.20 20.13 -35.20
N GLU A 18 3.96 19.32 -34.45
CA GLU A 18 3.33 18.22 -33.72
C GLU A 18 2.63 18.66 -32.45
N SER A 19 2.98 19.82 -31.90
CA SER A 19 2.10 20.36 -30.85
C SER A 19 0.84 20.95 -31.45
N LEU A 20 0.96 21.61 -32.62
CA LEU A 20 -0.20 22.20 -33.26
C LEU A 20 -1.21 21.14 -33.67
N LEU A 21 -0.73 20.03 -34.25
CA LEU A 21 -1.64 18.93 -34.57
C LEU A 21 -2.30 18.36 -33.32
N ASP A 22 -1.54 18.21 -32.22
CA ASP A 22 -2.15 17.78 -30.96
C ASP A 22 -3.32 18.68 -30.60
N GLY A 23 -3.16 19.99 -30.75
CA GLY A 23 -4.22 20.90 -30.37
C GLY A 23 -5.46 20.74 -31.22
N LEU A 24 -5.26 20.60 -32.52
CA LEU A 24 -6.39 20.32 -33.41
C LEU A 24 -7.05 19.01 -33.02
N ASN A 25 -6.24 17.96 -32.84
CA ASN A 25 -6.79 16.64 -32.56
C ASN A 25 -7.56 16.61 -31.25
N SER A 26 -7.06 17.30 -30.23
CA SER A 26 -7.76 17.23 -28.95
C SER A 26 -9.00 18.10 -28.94
N LEU A 27 -9.01 19.16 -29.75
CA LEU A 27 -10.22 19.95 -29.93
C LEU A 27 -11.33 19.10 -30.52
N VAL A 28 -11.02 18.30 -31.54
CA VAL A 28 -12.03 17.45 -32.14
C VAL A 28 -12.50 16.41 -31.13
N LEU A 29 -11.57 15.85 -30.35
CA LEU A 29 -11.97 14.81 -29.41
C LEU A 29 -12.81 15.37 -28.26
N ASP A 30 -12.50 16.59 -27.81
CA ASP A 30 -13.21 17.14 -26.65
C ASP A 30 -14.56 17.77 -27.00
N LEU A 31 -14.93 17.83 -28.28
CA LEU A 31 -16.20 18.41 -28.68
C LEU A 31 -17.12 17.44 -29.40
N ASP A 32 -16.59 16.38 -30.01
CA ASP A 32 -17.39 15.49 -30.84
C ASP A 32 -18.24 14.57 -29.97
N PHE A 33 -19.30 15.14 -29.42
CA PHE A 33 -20.32 14.41 -28.67
C PHE A 33 -21.69 14.96 -29.04
N PRO A 34 -22.73 14.11 -29.03
CA PRO A 34 -24.06 14.61 -29.42
C PRO A 34 -24.52 15.78 -28.58
N ALA A 35 -24.29 15.74 -27.26
CA ALA A 35 -24.72 16.82 -26.39
C ALA A 35 -24.12 18.15 -26.84
N LEU A 36 -22.82 18.16 -27.18
CA LEU A 36 -22.15 19.40 -27.54
C LEU A 36 -22.40 19.82 -28.98
N ARG A 37 -22.86 18.91 -29.85
CA ARG A 37 -23.17 19.30 -31.23
C ARG A 37 -24.55 19.93 -31.38
N LYS A 38 -25.24 20.23 -30.28
CA LYS A 38 -26.41 21.09 -30.34
C LYS A 38 -26.04 22.56 -30.45
N ASN A 39 -24.84 22.91 -29.97
CA ASN A 39 -24.20 24.16 -30.35
C ASN A 39 -23.85 24.09 -31.84
N LYS A 40 -24.18 25.15 -32.59
CA LYS A 40 -23.92 25.17 -34.03
C LYS A 40 -22.49 25.62 -34.34
N ASN A 41 -21.93 26.50 -33.51
CA ASN A 41 -20.51 26.82 -33.62
C ASN A 41 -19.69 25.54 -33.59
N ILE A 42 -19.94 24.69 -32.59
CA ILE A 42 -19.20 23.45 -32.43
C ILE A 42 -19.41 22.56 -33.65
N ASP A 43 -20.66 22.43 -34.11
CA ASP A 43 -20.88 21.59 -35.28
C ASP A 43 -20.33 22.27 -36.53
N ASN A 44 -20.36 23.61 -36.60
CA ASN A 44 -19.76 24.27 -37.74
C ASN A 44 -18.28 23.94 -37.85
N PHE A 45 -17.61 23.72 -36.71
CA PHE A 45 -16.21 23.31 -36.71
C PHE A 45 -16.05 21.83 -37.03
N LEU A 46 -16.84 20.98 -36.38
CA LEU A 46 -16.71 19.56 -36.63
C LEU A 46 -17.02 19.21 -38.08
N ASN A 47 -17.95 19.93 -38.71
CA ASN A 47 -18.23 19.69 -40.12
C ASN A 47 -16.99 19.96 -40.96
N ARG A 48 -16.38 21.10 -40.73
CA ARG A 48 -15.23 21.50 -41.54
C ARG A 48 -14.02 20.61 -41.35
N TYR A 49 -13.77 20.12 -40.14
CA TYR A 49 -12.49 19.51 -39.85
C TYR A 49 -12.54 18.03 -39.51
N GLU A 50 -13.72 17.47 -39.20
CA GLU A 50 -13.74 16.11 -38.64
C GLU A 50 -13.20 15.09 -39.61
N LYS A 51 -13.34 15.33 -40.91
CA LYS A 51 -12.93 14.34 -41.90
C LYS A 51 -11.44 14.42 -42.24
N ILE A 52 -10.80 15.59 -42.13
CA ILE A 52 -9.37 15.60 -42.37
C ILE A 52 -8.61 15.20 -41.10
N VAL A 53 -9.16 15.55 -39.93
CA VAL A 53 -8.56 15.13 -38.66
C VAL A 53 -8.57 13.61 -38.55
N LYS A 54 -9.62 12.96 -39.09
CA LYS A 54 -9.62 11.50 -39.08
C LYS A 54 -8.61 10.95 -40.07
N LYS A 55 -8.33 11.66 -41.17
CA LYS A 55 -7.35 11.18 -42.12
C LYS A 55 -5.93 11.31 -41.57
N ILE A 56 -5.62 12.44 -40.93
CA ILE A 56 -4.27 12.60 -40.41
C ILE A 56 -4.05 11.69 -39.22
N ARG A 57 -5.11 11.36 -38.49
CA ARG A 57 -4.98 10.36 -37.44
C ARG A 57 -4.45 9.04 -38.00
N GLY A 58 -4.81 8.72 -39.25
CA GLY A 58 -4.26 7.53 -39.87
C GLY A 58 -2.81 7.68 -40.28
N LEU A 59 -2.40 8.88 -40.70
CA LEU A 59 -1.01 9.06 -41.12
C LEU A 59 -0.05 9.29 -39.96
N GLN A 60 -0.54 9.64 -38.78
CA GLN A 60 0.33 9.82 -37.63
C GLN A 60 0.61 8.47 -36.98
N MET A 61 1.74 8.40 -36.29
CA MET A 61 2.07 7.17 -35.57
C MET A 61 0.99 6.87 -34.54
N LYS A 62 0.63 5.59 -34.46
CA LYS A 62 -0.46 5.13 -33.63
C LYS A 62 -0.08 3.76 -33.07
N ALA A 63 -0.76 3.37 -32.00
CA ALA A 63 -0.46 2.09 -31.35
C ALA A 63 -0.55 0.90 -32.30
N GLU A 64 -1.42 0.96 -33.29
CA GLU A 64 -1.65 -0.19 -34.17
C GLU A 64 -0.50 -0.41 -35.14
N ASP A 65 0.46 0.51 -35.20
CA ASP A 65 1.67 0.29 -35.97
C ASP A 65 2.63 -0.68 -35.29
N TYR A 66 2.30 -1.20 -34.11
CA TYR A 66 3.23 -2.03 -33.34
C TYR A 66 2.57 -3.37 -33.02
N ASP A 67 3.35 -4.45 -33.11
CA ASP A 67 2.96 -5.72 -32.51
C ASP A 67 3.32 -5.69 -31.04
N VAL A 68 2.36 -5.95 -30.17
CA VAL A 68 2.66 -6.09 -28.75
C VAL A 68 3.15 -7.52 -28.51
N VAL A 69 4.40 -7.67 -28.09
CA VAL A 69 5.00 -8.98 -27.89
C VAL A 69 4.77 -9.49 -26.47
N LYS A 70 4.88 -8.62 -25.48
CA LYS A 70 4.76 -9.02 -24.07
C LYS A 70 4.74 -7.78 -23.22
N VAL A 71 4.02 -7.85 -22.11
CA VAL A 71 4.08 -6.81 -21.09
C VAL A 71 5.22 -7.15 -20.14
N ILE A 72 6.10 -6.19 -19.90
CA ILE A 72 7.32 -6.42 -19.14
C ILE A 72 7.46 -5.48 -17.96
N GLY A 73 6.51 -4.58 -17.77
CA GLY A 73 6.58 -3.65 -16.65
C GLY A 73 5.22 -3.05 -16.37
N ARG A 74 5.03 -2.62 -15.13
CA ARG A 74 3.80 -1.99 -14.69
C ARG A 74 4.14 -0.81 -13.78
N GLY A 75 3.24 0.17 -13.76
CA GLY A 75 3.35 1.30 -12.86
C GLY A 75 1.96 1.71 -12.42
N ALA A 76 1.89 2.80 -11.65
CA ALA A 76 0.60 3.26 -11.10
C ALA A 76 -0.41 3.53 -12.21
N PHE A 77 0.02 4.14 -13.31
CA PHE A 77 -0.88 4.63 -14.33
C PHE A 77 -0.78 3.87 -15.64
N GLY A 78 -0.03 2.77 -15.69
CA GLY A 78 0.06 2.04 -16.95
C GLY A 78 1.05 0.90 -16.89
N GLU A 79 1.58 0.56 -18.06
CA GLU A 79 2.41 -0.61 -18.22
C GLU A 79 3.48 -0.35 -19.28
N VAL A 80 4.50 -1.19 -19.30
CA VAL A 80 5.52 -1.14 -20.33
C VAL A 80 5.41 -2.40 -21.18
N GLN A 81 5.33 -2.24 -22.50
CA GLN A 81 5.21 -3.35 -23.42
C GLN A 81 6.47 -3.52 -24.27
N LEU A 82 6.88 -4.76 -24.49
CA LEU A 82 7.85 -5.07 -25.52
C LEU A 82 7.14 -5.07 -26.88
N VAL A 83 7.58 -4.23 -27.82
CA VAL A 83 6.88 -4.13 -29.09
C VAL A 83 7.86 -4.24 -30.26
N ARG A 84 7.29 -4.58 -31.41
CA ARG A 84 7.99 -4.51 -32.69
C ARG A 84 7.20 -3.59 -33.62
N HIS A 85 7.87 -2.56 -34.14
CA HIS A 85 7.24 -1.70 -35.15
C HIS A 85 7.10 -2.49 -36.44
N LYS A 86 5.87 -2.67 -36.93
CA LYS A 86 5.64 -3.65 -38.00
C LYS A 86 6.23 -3.20 -39.31
N ALA A 87 6.13 -1.88 -39.61
CA ALA A 87 6.68 -1.38 -40.86
C ALA A 87 8.19 -1.52 -40.89
N SER A 88 8.87 -1.22 -39.77
CA SER A 88 10.32 -1.19 -39.73
C SER A 88 10.93 -2.44 -39.10
N GLN A 89 10.13 -3.27 -38.44
CA GLN A 89 10.60 -4.44 -37.71
C GLN A 89 11.55 -4.13 -36.54
N LYS A 90 11.75 -2.84 -36.20
CA LYS A 90 12.58 -2.49 -35.04
C LYS A 90 11.87 -2.78 -33.71
N VAL A 91 12.63 -3.29 -32.73
CA VAL A 91 12.08 -3.68 -31.43
C VAL A 91 12.27 -2.53 -30.46
N TYR A 92 11.26 -2.28 -29.61
CA TYR A 92 11.27 -1.20 -28.65
C TYR A 92 10.56 -1.61 -27.36
N ALA A 93 10.76 -0.81 -26.32
CA ALA A 93 9.94 -0.84 -25.11
C ALA A 93 8.99 0.35 -25.16
N MET A 94 7.69 0.10 -24.96
CA MET A 94 6.67 1.13 -25.10
C MET A 94 5.94 1.29 -23.77
N LYS A 95 6.01 2.50 -23.20
CA LYS A 95 5.35 2.82 -21.94
C LYS A 95 4.01 3.51 -22.22
N LEU A 96 2.96 3.05 -21.55
CA LEU A 96 1.60 3.57 -21.68
C LEU A 96 1.19 4.26 -20.37
N LEU A 97 0.63 5.45 -20.49
CA LEU A 97 0.05 6.15 -19.36
C LEU A 97 -1.44 6.41 -19.63
N SER A 98 -2.29 6.01 -18.70
CA SER A 98 -3.73 6.15 -18.91
C SER A 98 -4.12 7.60 -18.63
N LYS A 99 -4.78 8.22 -19.61
CA LYS A 99 -5.22 9.59 -19.43
C LYS A 99 -6.31 9.68 -18.38
N PHE A 100 -7.25 8.72 -18.40
CA PHE A 100 -8.30 8.70 -17.39
C PHE A 100 -7.70 8.63 -15.98
N GLU A 101 -6.65 7.82 -15.80
CA GLU A 101 -6.18 7.59 -14.44
C GLU A 101 -5.25 8.68 -13.96
N MET A 102 -4.61 9.41 -14.88
CA MET A 102 -3.81 10.56 -14.48
C MET A 102 -4.68 11.74 -14.10
N ILE A 103 -5.88 11.83 -14.66
CA ILE A 103 -6.74 12.96 -14.33
C ILE A 103 -7.67 12.63 -13.16
N LYS A 104 -8.15 11.38 -13.10
CA LYS A 104 -8.94 10.94 -11.97
C LYS A 104 -8.14 10.92 -10.67
N ARG A 105 -6.80 10.99 -10.77
CA ARG A 105 -5.95 11.01 -9.58
C ARG A 105 -5.07 12.26 -9.56
N SER A 106 -5.49 13.27 -10.33
CA SER A 106 -5.06 14.67 -10.19
C SER A 106 -3.53 14.85 -10.18
N ASP A 107 -2.82 14.00 -10.90
CA ASP A 107 -1.46 14.33 -11.32
C ASP A 107 -1.36 14.04 -12.82
N SER A 108 -1.21 15.09 -13.61
CA SER A 108 -1.19 15.02 -15.07
C SER A 108 -0.03 15.82 -15.62
N ALA A 109 1.06 15.95 -14.84
CA ALA A 109 2.20 16.75 -15.26
C ALA A 109 3.56 16.09 -15.09
N PHE A 110 3.63 14.88 -14.52
CA PHE A 110 4.94 14.26 -14.27
C PHE A 110 5.61 13.83 -15.56
N PHE A 111 4.83 13.53 -16.59
CA PHE A 111 5.40 12.88 -17.75
C PHE A 111 6.19 13.85 -18.60
N TRP A 112 6.03 15.17 -18.39
CA TRP A 112 6.73 16.13 -19.23
C TRP A 112 8.23 16.03 -19.03
N GLU A 113 8.66 15.82 -17.78
CA GLU A 113 10.08 15.75 -17.50
C GLU A 113 10.66 14.41 -17.93
N GLU A 114 9.89 13.34 -17.72
CA GLU A 114 10.29 12.03 -18.22
C GLU A 114 10.51 12.06 -19.73
N ARG A 115 9.56 12.61 -20.47
CA ARG A 115 9.71 12.65 -21.92
C ARG A 115 10.96 13.43 -22.32
N ASP A 116 11.20 14.59 -21.68
CA ASP A 116 12.29 15.47 -22.10
C ASP A 116 13.65 14.88 -21.77
N ILE A 117 13.77 14.22 -20.62
CA ILE A 117 15.04 13.61 -20.26
C ILE A 117 15.39 12.51 -21.25
N MET A 118 14.47 11.58 -21.48
CA MET A 118 14.78 10.47 -22.36
C MET A 118 14.95 10.94 -23.80
N ALA A 119 14.27 12.02 -24.20
CA ALA A 119 14.37 12.49 -25.57
C ALA A 119 15.70 13.19 -25.81
N PHE A 120 16.15 14.00 -24.84
CA PHE A 120 17.20 14.97 -25.07
C PHE A 120 18.42 14.80 -24.19
N ALA A 121 18.43 13.90 -23.20
CA ALA A 121 19.63 13.75 -22.38
C ALA A 121 20.84 13.35 -23.24
N ASN A 122 20.62 12.49 -24.24
CA ASN A 122 21.71 12.05 -25.09
C ASN A 122 22.87 11.56 -24.22
N SER A 123 22.55 10.60 -23.37
CA SER A 123 23.57 10.15 -22.45
C SER A 123 23.56 8.63 -22.45
N PRO A 124 24.73 8.00 -22.31
CA PRO A 124 24.72 6.53 -22.28
C PRO A 124 24.10 5.99 -21.02
N TRP A 125 23.82 6.85 -20.02
CA TRP A 125 23.28 6.45 -18.73
C TRP A 125 21.78 6.56 -18.65
N VAL A 126 21.14 7.12 -19.68
CA VAL A 126 19.72 7.40 -19.71
C VAL A 126 19.11 6.67 -20.90
N VAL A 127 18.05 5.90 -20.65
CA VAL A 127 17.28 5.27 -21.72
C VAL A 127 16.80 6.32 -22.71
N GLN A 128 17.07 6.10 -23.99
CA GLN A 128 16.68 7.06 -25.01
C GLN A 128 15.23 6.85 -25.43
N LEU A 129 14.52 7.97 -25.65
CA LEU A 129 13.19 7.96 -26.23
C LEU A 129 13.30 8.31 -27.71
N PHE A 130 12.59 7.57 -28.54
CA PHE A 130 12.55 7.83 -29.98
C PHE A 130 11.26 8.49 -30.42
N TYR A 131 10.12 8.05 -29.89
CA TYR A 131 8.83 8.58 -30.27
C TYR A 131 7.93 8.74 -29.06
N ALA A 132 7.21 9.86 -29.00
CA ALA A 132 6.07 10.03 -28.12
C ALA A 132 4.85 10.38 -28.96
N PHE A 133 3.75 9.68 -28.73
CA PHE A 133 2.52 10.00 -29.42
C PHE A 133 1.39 9.68 -28.46
N GLN A 134 0.15 9.90 -28.91
CA GLN A 134 -0.99 9.66 -28.03
C GLN A 134 -2.20 9.26 -28.85
N ASP A 135 -3.17 8.66 -28.15
CA ASP A 135 -4.52 8.55 -28.67
C ASP A 135 -5.50 9.00 -27.57
N ASP A 136 -6.80 8.82 -27.78
CA ASP A 136 -7.73 9.42 -26.84
C ASP A 136 -7.66 8.81 -25.45
N ARG A 137 -7.05 7.64 -25.29
CA ARG A 137 -6.98 7.00 -23.98
C ARG A 137 -5.60 7.02 -23.33
N TYR A 138 -4.51 7.01 -24.10
CA TYR A 138 -3.18 6.74 -23.56
C TYR A 138 -2.14 7.71 -24.11
N LEU A 139 -1.15 8.02 -23.27
CA LEU A 139 0.13 8.53 -23.73
C LEU A 139 1.01 7.33 -24.07
N TYR A 140 1.92 7.50 -25.03
CA TYR A 140 2.83 6.44 -25.44
C TYR A 140 4.25 6.97 -25.50
N MET A 141 5.19 6.26 -24.91
CA MET A 141 6.60 6.60 -25.00
C MET A 141 7.36 5.39 -25.55
N VAL A 142 7.99 5.57 -26.72
CA VAL A 142 8.70 4.51 -27.41
C VAL A 142 10.20 4.66 -27.14
N MET A 143 10.75 3.70 -26.41
CA MET A 143 12.10 3.74 -25.88
C MET A 143 12.93 2.61 -26.45
N GLU A 144 14.26 2.74 -26.34
CA GLU A 144 15.09 1.60 -26.63
C GLU A 144 14.79 0.50 -25.62
N TYR A 145 14.76 -0.73 -26.10
CA TYR A 145 14.49 -1.89 -25.28
C TYR A 145 15.77 -2.25 -24.55
N MET A 146 15.66 -2.48 -23.24
CA MET A 146 16.79 -2.84 -22.39
C MET A 146 16.69 -4.32 -22.05
N PRO A 147 17.30 -5.22 -22.84
CA PRO A 147 17.02 -6.66 -22.67
C PRO A 147 17.69 -7.31 -21.46
N GLY A 148 18.67 -6.66 -20.82
CA GLY A 148 19.27 -7.27 -19.64
C GLY A 148 18.38 -7.36 -18.43
N GLY A 149 17.16 -6.79 -18.48
CA GLY A 149 16.31 -6.78 -17.31
C GLY A 149 16.76 -5.72 -16.32
N ASP A 150 16.16 -5.75 -15.11
CA ASP A 150 16.47 -4.73 -14.12
C ASP A 150 17.25 -5.33 -12.95
N LEU A 151 17.63 -4.46 -12.00
CA LEU A 151 18.51 -4.92 -10.93
C LEU A 151 17.77 -5.76 -9.88
N VAL A 152 16.46 -5.60 -9.75
CA VAL A 152 15.66 -6.50 -8.92
C VAL A 152 15.81 -7.93 -9.42
N ASN A 153 15.67 -8.13 -10.73
CA ASN A 153 15.77 -9.48 -11.28
C ASN A 153 17.20 -10.02 -11.10
N LEU A 154 18.22 -9.18 -11.28
CA LEU A 154 19.59 -9.65 -11.08
C LEU A 154 19.82 -10.12 -9.65
N MET A 155 19.39 -9.32 -8.67
CA MET A 155 19.59 -9.69 -7.26
C MET A 155 18.78 -10.93 -6.89
N SER A 156 17.57 -11.10 -7.43
CA SER A 156 16.82 -12.31 -7.14
C SER A 156 17.49 -13.56 -7.73
N ASN A 157 18.31 -13.41 -8.76
CA ASN A 157 18.93 -14.55 -9.44
C ASN A 157 20.35 -14.82 -9.00
N TYR A 158 20.97 -13.91 -8.26
CA TYR A 158 22.36 -14.07 -7.88
C TYR A 158 22.60 -13.69 -6.44
N ASP A 159 23.62 -14.30 -5.86
CA ASP A 159 24.20 -13.80 -4.63
C ASP A 159 25.30 -12.85 -5.08
N VAL A 160 25.20 -11.59 -4.68
CA VAL A 160 25.94 -10.52 -5.33
C VAL A 160 27.26 -10.34 -4.57
N PRO A 161 28.40 -10.70 -5.16
CA PRO A 161 29.67 -10.42 -4.49
C PRO A 161 30.00 -8.94 -4.56
N GLU A 162 30.88 -8.51 -3.64
CA GLU A 162 31.20 -7.09 -3.54
C GLU A 162 31.83 -6.57 -4.82
N LYS A 163 32.65 -7.40 -5.49
CA LYS A 163 33.21 -6.98 -6.77
C LYS A 163 32.12 -6.52 -7.75
N TRP A 164 30.96 -7.17 -7.71
CA TRP A 164 29.83 -6.79 -8.55
C TRP A 164 29.11 -5.55 -8.02
N ALA A 165 28.81 -5.54 -6.72
CA ALA A 165 28.15 -4.37 -6.13
C ALA A 165 29.01 -3.13 -6.35
N LYS A 166 30.33 -3.30 -6.27
CA LYS A 166 31.28 -2.23 -6.58
C LYS A 166 30.97 -1.60 -7.93
N PHE A 167 30.84 -2.44 -8.96
CA PHE A 167 30.65 -1.98 -10.33
C PHE A 167 29.28 -1.32 -10.50
N TYR A 168 28.21 -2.00 -10.06
CA TYR A 168 26.87 -1.45 -10.23
C TYR A 168 26.65 -0.16 -9.43
N THR A 169 27.27 -0.08 -8.24
CA THR A 169 27.17 1.16 -7.47
C THR A 169 27.81 2.31 -8.22
N ALA A 170 29.01 2.07 -8.76
CA ALA A 170 29.71 3.11 -9.51
C ALA A 170 28.92 3.57 -10.74
N GLU A 171 28.31 2.63 -11.50
CA GLU A 171 27.53 3.08 -12.66
C GLU A 171 26.31 3.88 -12.23
N VAL A 172 25.63 3.45 -11.16
CA VAL A 172 24.51 4.23 -10.64
C VAL A 172 24.98 5.63 -10.24
N VAL A 173 26.11 5.71 -9.53
CA VAL A 173 26.68 7.02 -9.16
C VAL A 173 26.92 7.87 -10.39
N LEU A 174 27.52 7.27 -11.43
CA LEU A 174 27.76 8.08 -12.63
C LEU A 174 26.46 8.44 -13.31
N ALA A 175 25.50 7.50 -13.38
CA ALA A 175 24.20 7.82 -13.99
C ALA A 175 23.52 8.98 -13.24
N LEU A 176 23.52 8.93 -11.92
CA LEU A 176 22.93 10.02 -11.13
C LEU A 176 23.68 11.32 -11.34
N ASP A 177 25.01 11.24 -11.42
CA ASP A 177 25.78 12.46 -11.66
C ASP A 177 25.42 13.11 -12.99
N ALA A 178 25.14 12.30 -14.00
CA ALA A 178 24.73 12.86 -15.28
C ALA A 178 23.35 13.50 -15.16
N ILE A 179 22.43 12.87 -14.44
CA ILE A 179 21.12 13.48 -14.19
C ILE A 179 21.28 14.83 -13.48
N HIS A 180 22.10 14.85 -12.42
CA HIS A 180 22.33 16.10 -11.71
C HIS A 180 22.87 17.19 -12.64
N SER A 181 23.84 16.83 -13.51
CA SER A 181 24.45 17.84 -14.39
C SER A 181 23.46 18.40 -15.39
N MET A 182 22.34 17.72 -15.62
CA MET A 182 21.26 18.32 -16.39
C MET A 182 20.38 19.21 -15.54
N GLY A 183 20.74 19.41 -14.28
CA GLY A 183 19.94 20.24 -13.40
C GLY A 183 18.77 19.53 -12.75
N LEU A 184 18.81 18.20 -12.61
CA LEU A 184 17.69 17.45 -12.08
C LEU A 184 18.08 16.57 -10.91
N ILE A 185 17.14 16.44 -9.98
CA ILE A 185 17.24 15.51 -8.87
C ILE A 185 16.32 14.35 -9.22
N HIS A 186 16.78 13.11 -9.04
CA HIS A 186 15.98 11.97 -9.50
C HIS A 186 14.81 11.69 -8.56
N ARG A 187 15.10 11.48 -7.28
CA ARG A 187 14.13 11.29 -6.20
C ARG A 187 13.48 9.90 -6.18
N ASP A 188 13.66 9.08 -7.19
CA ASP A 188 13.08 7.75 -7.10
C ASP A 188 14.07 6.71 -7.60
N VAL A 189 15.30 6.79 -7.08
CA VAL A 189 16.35 5.84 -7.44
C VAL A 189 16.08 4.52 -6.72
N LYS A 190 16.00 3.44 -7.48
CA LYS A 190 15.77 2.12 -6.90
C LYS A 190 16.05 1.06 -7.98
N PRO A 191 16.29 -0.20 -7.59
CA PRO A 191 16.69 -1.22 -8.58
C PRO A 191 15.67 -1.46 -9.69
N ASP A 192 14.37 -1.22 -9.44
CA ASP A 192 13.36 -1.33 -10.47
C ASP A 192 13.56 -0.31 -11.60
N ASN A 193 14.19 0.84 -11.29
CA ASN A 193 14.49 1.91 -12.24
C ASN A 193 15.85 1.75 -12.91
N MET A 194 16.62 0.74 -12.52
CA MET A 194 17.95 0.53 -13.07
C MET A 194 17.87 -0.66 -14.04
N LEU A 195 18.09 -0.38 -15.33
CA LEU A 195 17.96 -1.38 -16.39
C LEU A 195 19.33 -1.68 -16.99
N LEU A 196 19.48 -2.89 -17.54
CA LEU A 196 20.75 -3.34 -18.12
C LEU A 196 20.60 -3.53 -19.62
N ASP A 197 21.58 -3.03 -20.39
CA ASP A 197 21.49 -3.13 -21.84
C ASP A 197 22.02 -4.50 -22.30
N LYS A 198 22.13 -4.70 -23.61
CA LYS A 198 22.62 -6.00 -24.10
C LYS A 198 24.02 -6.33 -23.57
N HIS A 199 24.81 -5.34 -23.18
CA HIS A 199 26.16 -5.63 -22.71
C HIS A 199 26.24 -5.70 -21.19
N GLY A 200 25.12 -5.58 -20.50
CA GLY A 200 25.13 -5.65 -19.05
C GLY A 200 25.46 -4.35 -18.33
N HIS A 201 25.46 -3.22 -19.05
CA HIS A 201 25.64 -1.90 -18.45
C HIS A 201 24.31 -1.21 -18.18
N LEU A 202 24.36 -0.32 -17.19
CA LEU A 202 23.19 0.24 -16.56
C LEU A 202 22.69 1.46 -17.30
N LYS A 203 21.37 1.65 -17.31
CA LYS A 203 20.77 2.94 -17.62
C LYS A 203 19.59 3.17 -16.69
N LEU A 204 19.27 4.45 -16.43
CA LEU A 204 18.13 4.83 -15.61
C LEU A 204 16.91 5.05 -16.48
N ALA A 205 15.71 4.73 -15.93
CA ALA A 205 14.56 4.70 -16.81
C ALA A 205 13.33 5.47 -16.35
N ASP A 206 13.02 5.49 -15.07
CA ASP A 206 11.70 5.99 -14.65
C ASP A 206 11.96 7.34 -14.02
N PHE A 207 11.75 8.39 -14.80
CA PHE A 207 12.03 9.76 -14.38
C PHE A 207 10.75 10.51 -14.00
N GLY A 208 9.71 9.79 -13.57
CA GLY A 208 8.43 10.40 -13.22
C GLY A 208 8.50 11.37 -12.05
N THR A 209 9.46 11.17 -11.14
CA THR A 209 9.62 11.98 -9.94
C THR A 209 10.59 13.15 -10.14
N CYS A 210 11.21 13.28 -11.31
CA CYS A 210 12.36 14.18 -11.46
C CYS A 210 11.92 15.64 -11.32
N MET A 211 12.78 16.47 -10.70
CA MET A 211 12.46 17.87 -10.53
C MET A 211 13.68 18.73 -10.86
N LYS A 212 13.45 19.84 -11.57
CA LYS A 212 14.55 20.75 -11.88
C LYS A 212 14.94 21.57 -10.64
N MET A 213 16.24 21.78 -10.46
CA MET A 213 16.75 22.48 -9.29
C MET A 213 16.69 23.99 -9.49
N ASP A 214 16.72 24.71 -8.35
CA ASP A 214 16.96 26.14 -8.27
C ASP A 214 18.32 26.51 -8.88
N GLU A 215 18.58 27.81 -8.94
CA GLU A 215 19.93 28.30 -9.16
C GLU A 215 20.85 27.99 -7.98
N THR A 216 20.28 27.76 -6.79
CA THR A 216 21.05 27.31 -5.63
C THR A 216 21.29 25.81 -5.63
N GLY A 217 20.78 25.09 -6.64
CA GLY A 217 20.78 23.64 -6.62
C GLY A 217 19.80 23.00 -5.67
N MET A 218 18.75 23.69 -5.27
CA MET A 218 17.75 23.18 -4.34
C MET A 218 16.40 23.11 -5.03
N VAL A 219 15.48 22.39 -4.40
CA VAL A 219 14.08 22.36 -4.82
C VAL A 219 13.20 22.70 -3.63
N HIS A 220 12.13 23.46 -3.88
CA HIS A 220 11.02 23.62 -2.94
C HIS A 220 10.01 22.51 -3.17
N CYS A 221 9.81 21.64 -2.17
CA CYS A 221 8.76 20.65 -2.34
C CYS A 221 8.19 20.25 -0.99
N ASP A 222 6.87 20.12 -0.96
CA ASP A 222 6.09 19.85 0.25
C ASP A 222 5.38 18.51 0.17
N THR A 223 5.78 17.67 -0.76
CA THR A 223 5.19 16.36 -0.96
C THR A 223 6.29 15.31 -0.88
N ALA A 224 6.11 14.34 0.01
CA ALA A 224 6.98 13.18 -0.01
C ALA A 224 6.74 12.42 -1.31
N VAL A 225 7.81 12.04 -2.01
CA VAL A 225 7.73 11.39 -3.31
C VAL A 225 8.66 10.18 -3.30
N GLY A 226 8.46 9.30 -4.28
CA GLY A 226 9.34 8.16 -4.48
C GLY A 226 8.75 6.87 -3.93
N THR A 227 9.61 5.96 -3.49
CA THR A 227 9.26 4.63 -3.04
C THR A 227 9.58 4.42 -1.57
N PRO A 228 8.68 3.78 -0.79
CA PRO A 228 8.84 3.84 0.68
C PRO A 228 10.17 3.30 1.18
N ASP A 229 10.66 2.17 0.65
CA ASP A 229 11.92 1.59 1.12
C ASP A 229 13.13 2.51 0.89
N TYR A 230 13.06 3.38 -0.13
CA TYR A 230 14.21 4.16 -0.58
C TYR A 230 14.11 5.65 -0.28
N ILE A 231 13.03 6.12 0.32
CA ILE A 231 12.91 7.58 0.44
C ILE A 231 13.80 8.05 1.58
N SER A 232 14.41 9.22 1.38
CA SER A 232 15.37 9.76 2.32
C SER A 232 14.64 10.50 3.44
N PRO A 233 15.27 10.67 4.60
CA PRO A 233 14.59 11.41 5.69
C PRO A 233 14.09 12.78 5.28
N GLU A 234 14.91 13.54 4.54
CA GLU A 234 14.53 14.92 4.24
C GLU A 234 13.34 15.00 3.27
N VAL A 235 13.22 14.03 2.34
CA VAL A 235 12.05 14.03 1.44
C VAL A 235 10.81 13.56 2.20
N LEU A 236 10.98 12.56 3.05
CA LEU A 236 9.90 12.14 3.93
C LEU A 236 9.43 13.31 4.80
N LYS A 237 10.37 14.02 5.44
CA LYS A 237 10.06 15.14 6.34
C LYS A 237 9.45 16.32 5.60
N SER A 238 9.67 16.42 4.29
CA SER A 238 9.16 17.58 3.56
C SER A 238 7.65 17.55 3.40
N GLN A 239 7.00 16.44 3.76
CA GLN A 239 5.57 16.29 3.53
C GLN A 239 4.77 17.27 4.38
N GLY A 240 4.12 18.23 3.71
CA GLY A 240 3.41 19.32 4.36
C GLY A 240 4.27 20.32 5.14
N GLY A 241 5.58 20.43 4.84
CA GLY A 241 6.44 21.20 5.73
C GLY A 241 7.54 22.08 5.13
N ASP A 242 7.29 22.64 3.95
CA ASP A 242 8.25 23.43 3.16
C ASP A 242 9.64 22.80 3.07
N GLY A 243 9.73 21.69 2.33
CA GLY A 243 11.02 21.07 2.09
C GLY A 243 11.89 21.94 1.21
N PHE A 244 13.17 21.99 1.56
CA PHE A 244 14.17 22.70 0.78
C PHE A 244 15.40 21.81 0.86
N TYR A 245 15.71 21.11 -0.24
CA TYR A 245 16.77 20.12 -0.22
C TYR A 245 17.45 20.04 -1.58
N GLY A 246 18.59 19.33 -1.60
CA GLY A 246 19.37 19.23 -2.81
C GLY A 246 19.51 17.82 -3.37
N ARG A 247 20.42 17.69 -4.34
CA ARG A 247 20.64 16.43 -5.04
C ARG A 247 21.09 15.32 -4.12
N GLU A 248 21.53 15.64 -2.90
CA GLU A 248 22.12 14.57 -2.09
C GLU A 248 21.10 13.56 -1.59
N CYS A 249 19.79 13.85 -1.68
CA CYS A 249 18.77 12.83 -1.44
C CYS A 249 18.97 11.60 -2.32
N ASP A 250 19.42 11.80 -3.58
CA ASP A 250 19.68 10.65 -4.45
C ASP A 250 20.79 9.76 -3.88
N TRP A 251 21.78 10.35 -3.17
CA TRP A 251 22.84 9.51 -2.65
C TRP A 251 22.36 8.62 -1.52
N TRP A 252 21.36 9.05 -0.75
CA TRP A 252 20.75 8.18 0.25
C TRP A 252 20.20 6.91 -0.39
N SER A 253 19.48 7.06 -1.50
CA SER A 253 18.95 5.87 -2.18
C SER A 253 20.08 4.97 -2.66
N VAL A 254 21.25 5.52 -2.97
CA VAL A 254 22.35 4.66 -3.38
C VAL A 254 22.77 3.78 -2.22
N GLY A 255 22.81 4.33 -1.00
CA GLY A 255 23.11 3.50 0.16
C GLY A 255 22.09 2.39 0.39
N VAL A 256 20.80 2.69 0.23
CA VAL A 256 19.80 1.63 0.37
C VAL A 256 20.04 0.53 -0.65
N PHE A 257 20.25 0.92 -1.92
CA PHE A 257 20.58 -0.03 -2.99
C PHE A 257 21.77 -0.91 -2.61
N LEU A 258 22.87 -0.29 -2.16
CA LEU A 258 24.05 -1.08 -1.88
C LEU A 258 23.82 -2.02 -0.70
N TYR A 259 23.10 -1.55 0.33
CA TYR A 259 22.71 -2.44 1.42
C TYR A 259 21.93 -3.64 0.87
N GLU A 260 20.89 -3.38 0.06
CA GLU A 260 20.08 -4.48 -0.43
C GLU A 260 20.91 -5.48 -1.23
N MET A 261 21.85 -4.99 -2.05
CA MET A 261 22.68 -5.87 -2.86
C MET A 261 23.53 -6.79 -1.99
N LEU A 262 24.12 -6.25 -0.92
CA LEU A 262 25.04 -7.04 -0.11
C LEU A 262 24.34 -7.83 1.00
N VAL A 263 23.19 -7.37 1.47
CA VAL A 263 22.54 -8.02 2.60
C VAL A 263 21.44 -8.96 2.14
N GLY A 264 20.70 -8.60 1.11
CA GLY A 264 19.56 -9.36 0.66
C GLY A 264 18.24 -8.71 1.01
N ASP A 265 18.23 -7.72 1.89
CA ASP A 265 16.99 -7.03 2.26
C ASP A 265 17.21 -5.53 2.29
N THR A 266 16.12 -4.79 2.23
CA THR A 266 16.29 -3.35 2.39
C THR A 266 16.51 -3.00 3.86
N PRO A 267 17.31 -1.97 4.15
CA PRO A 267 17.73 -1.73 5.54
C PRO A 267 16.62 -1.21 6.43
N PHE A 268 15.47 -0.79 5.89
CA PHE A 268 14.38 -0.28 6.72
C PHE A 268 13.12 -1.05 6.43
N TYR A 269 13.25 -2.35 6.20
CA TYR A 269 12.07 -3.17 6.00
C TYR A 269 11.21 -3.16 7.25
N ALA A 270 9.90 -3.00 7.05
CA ALA A 270 8.93 -3.18 8.12
C ALA A 270 7.69 -3.83 7.51
N ASP A 271 6.84 -4.34 8.41
CA ASP A 271 5.62 -5.01 7.98
C ASP A 271 4.62 -4.03 7.39
N SER A 272 4.70 -2.76 7.78
CA SER A 272 3.74 -1.76 7.37
C SER A 272 4.47 -0.57 6.76
N LEU A 273 3.78 0.15 5.88
CA LEU A 273 4.28 1.42 5.36
C LEU A 273 4.65 2.37 6.49
N VAL A 274 3.81 2.48 7.53
CA VAL A 274 4.11 3.46 8.57
C VAL A 274 5.29 2.99 9.42
N GLY A 275 5.49 1.67 9.54
CA GLY A 275 6.70 1.19 10.18
C GLY A 275 7.94 1.53 9.38
N THR A 276 7.86 1.42 8.06
CA THR A 276 8.97 1.83 7.22
C THR A 276 9.24 3.32 7.37
N TYR A 277 8.18 4.14 7.31
CA TYR A 277 8.36 5.58 7.49
C TYR A 277 9.00 5.89 8.85
N SER A 278 8.62 5.15 9.91
CA SER A 278 9.15 5.45 11.24
C SER A 278 10.52 4.82 11.46
N LYS A 279 10.81 3.71 10.77
CA LYS A 279 12.18 3.20 10.76
C LYS A 279 13.13 4.20 10.12
N ILE A 280 12.70 4.84 9.04
CA ILE A 280 13.55 5.79 8.34
C ILE A 280 13.79 7.01 9.21
N MET A 281 12.73 7.54 9.82
CA MET A 281 12.91 8.70 10.67
C MET A 281 13.85 8.40 11.82
N ASP A 282 13.83 7.17 12.31
CA ASP A 282 14.69 6.70 13.40
C ASP A 282 15.92 5.95 12.88
N HIS A 283 16.50 6.38 11.75
CA HIS A 283 17.55 5.57 11.12
C HIS A 283 18.82 5.48 11.99
N LYS A 284 19.13 6.52 12.78
CA LYS A 284 20.32 6.46 13.61
C LYS A 284 20.30 5.26 14.55
N ASN A 285 19.13 4.72 14.88
CA ASN A 285 19.05 3.53 15.70
C ASN A 285 18.52 2.30 14.98
N SER A 286 17.80 2.47 13.87
CA SER A 286 17.18 1.32 13.21
C SER A 286 18.09 0.66 12.18
N LEU A 287 19.06 1.41 11.61
CA LEU A 287 20.02 0.82 10.68
C LEU A 287 20.88 -0.20 11.44
N CYS A 288 20.84 -1.45 11.00
CA CYS A 288 21.51 -2.52 11.73
C CYS A 288 21.90 -3.62 10.75
N PHE A 289 23.20 -3.96 10.73
CA PHE A 289 23.61 -5.04 9.84
C PHE A 289 23.42 -6.39 10.52
N PRO A 290 22.89 -7.38 9.79
CA PRO A 290 22.78 -8.72 10.37
C PRO A 290 24.14 -9.24 10.79
N GLU A 291 24.16 -9.92 11.94
CA GLU A 291 25.40 -10.44 12.50
C GLU A 291 26.05 -11.45 11.56
N ASP A 292 25.25 -12.24 10.86
CA ASP A 292 25.76 -13.22 9.90
C ASP A 292 26.08 -12.61 8.55
N ALA A 293 25.92 -11.30 8.38
CA ALA A 293 26.23 -10.66 7.12
C ALA A 293 27.72 -10.37 7.09
N GLU A 294 28.44 -11.10 6.24
CA GLU A 294 29.89 -10.95 6.09
C GLU A 294 30.15 -9.83 5.09
N ILE A 295 29.94 -8.60 5.54
CA ILE A 295 30.16 -7.41 4.73
C ILE A 295 31.52 -6.84 5.09
N SER A 296 32.30 -6.50 4.07
CA SER A 296 33.59 -5.89 4.32
C SER A 296 33.41 -4.57 5.06
N LYS A 297 34.53 -4.04 5.53
CA LYS A 297 34.49 -2.87 6.39
C LYS A 297 34.51 -1.60 5.57
N HIS A 298 35.01 -1.68 4.34
CA HIS A 298 34.84 -0.58 3.39
C HIS A 298 33.41 -0.49 2.92
N ALA A 299 32.76 -1.63 2.71
CA ALA A 299 31.37 -1.62 2.26
C ALA A 299 30.45 -1.10 3.36
N LYS A 300 30.61 -1.62 4.57
CA LYS A 300 29.82 -1.13 5.71
C LYS A 300 30.02 0.37 5.91
N ASN A 301 31.25 0.85 5.76
CA ASN A 301 31.53 2.28 5.92
C ASN A 301 30.83 3.11 4.85
N LEU A 302 30.87 2.66 3.58
CA LEU A 302 30.22 3.45 2.53
C LEU A 302 28.70 3.50 2.73
N ILE A 303 28.09 2.36 3.05
CA ILE A 303 26.66 2.30 3.33
C ILE A 303 26.28 3.23 4.47
N CYS A 304 27.03 3.20 5.58
CA CYS A 304 26.67 4.08 6.69
C CYS A 304 26.98 5.52 6.40
N ALA A 305 27.86 5.78 5.43
CA ALA A 305 28.14 7.14 5.01
C ALA A 305 27.05 7.75 4.13
N PHE A 306 26.27 6.89 3.45
CA PHE A 306 25.12 7.30 2.65
C PHE A 306 23.84 7.35 3.49
N LEU A 307 23.68 6.38 4.38
CA LEU A 307 22.46 6.27 5.18
C LEU A 307 22.60 7.06 6.49
N THR A 308 22.88 8.36 6.35
CA THR A 308 22.80 9.29 7.47
C THR A 308 22.00 10.51 7.03
N ASP A 309 21.91 11.48 7.93
CA ASP A 309 21.22 12.72 7.61
C ASP A 309 22.04 13.55 6.63
N ARG A 310 21.34 14.39 5.87
CA ARG A 310 21.91 15.09 4.74
C ARG A 310 23.09 15.99 5.11
N GLU A 311 23.10 16.53 6.34
CA GLU A 311 24.13 17.49 6.71
C GLU A 311 25.50 16.85 6.73
N VAL A 312 25.58 15.54 7.04
CA VAL A 312 26.87 14.86 7.01
C VAL A 312 26.92 13.73 5.97
N ARG A 313 26.07 13.74 4.94
CA ARG A 313 25.99 12.60 4.02
C ARG A 313 27.11 12.64 2.98
N LEU A 314 27.80 11.51 2.81
CA LEU A 314 28.79 11.41 1.72
C LEU A 314 28.14 11.77 0.38
N GLY A 315 28.75 12.70 -0.32
CA GLY A 315 28.21 13.22 -1.55
C GLY A 315 27.62 14.60 -1.43
N ARG A 316 27.39 15.09 -0.20
CA ARG A 316 26.85 16.44 -0.03
C ARG A 316 27.70 17.47 -0.74
N ASN A 317 29.02 17.26 -0.81
CA ASN A 317 29.93 18.22 -1.42
C ASN A 317 30.27 17.92 -2.88
N GLY A 318 29.63 16.94 -3.51
CA GLY A 318 29.99 16.56 -4.86
C GLY A 318 30.39 15.11 -4.96
N VAL A 319 30.47 14.63 -6.22
CA VAL A 319 30.67 13.19 -6.37
C VAL A 319 32.15 12.79 -6.26
N GLU A 320 33.10 13.74 -6.33
CA GLU A 320 34.51 13.36 -6.17
C GLU A 320 34.74 12.66 -4.84
N GLU A 321 34.03 13.06 -3.78
CA GLU A 321 34.26 12.38 -2.50
C GLU A 321 33.61 11.01 -2.48
N ILE A 322 32.58 10.78 -3.29
CA ILE A 322 32.10 9.42 -3.41
C ILE A 322 33.14 8.56 -4.13
N ARG A 323 33.69 9.08 -5.22
CA ARG A 323 34.56 8.27 -6.09
C ARG A 323 35.78 7.72 -5.36
N GLN A 324 36.39 8.53 -4.49
CA GLN A 324 37.66 8.15 -3.86
C GLN A 324 37.48 7.17 -2.73
N HIS A 325 36.24 6.83 -2.38
CA HIS A 325 36.00 5.96 -1.24
C HIS A 325 36.68 4.62 -1.47
N PRO A 326 37.40 4.08 -0.47
CA PRO A 326 38.14 2.83 -0.68
C PRO A 326 37.28 1.64 -1.09
N PHE A 327 35.96 1.67 -0.86
CA PHE A 327 35.11 0.58 -1.33
C PHE A 327 35.33 0.32 -2.82
N PHE A 328 35.58 1.37 -3.59
CA PHE A 328 35.65 1.36 -5.02
C PHE A 328 37.02 0.93 -5.57
N LYS A 329 37.95 0.54 -4.72
CA LYS A 329 39.23 0.06 -5.23
C LYS A 329 39.04 -1.33 -5.84
N ASN A 330 39.59 -1.54 -7.03
CA ASN A 330 39.27 -2.76 -7.76
C ASN A 330 40.28 -2.91 -8.90
N ASP A 331 40.26 -4.09 -9.53
CA ASP A 331 41.21 -4.43 -10.59
C ASP A 331 40.56 -4.52 -11.97
N GLN A 332 39.30 -4.10 -12.10
CA GLN A 332 38.58 -4.27 -13.35
C GLN A 332 38.28 -2.97 -14.09
N TRP A 333 38.15 -1.84 -13.39
CA TRP A 333 37.64 -0.64 -14.06
C TRP A 333 38.11 0.61 -13.33
N HIS A 334 38.10 1.71 -14.06
CA HIS A 334 38.31 3.04 -13.53
C HIS A 334 37.04 3.87 -13.73
N TRP A 335 36.91 4.95 -12.96
CA TRP A 335 35.75 5.84 -13.09
C TRP A 335 35.63 6.38 -14.50
N ASP A 336 36.76 6.43 -15.20
CA ASP A 336 36.93 6.99 -16.53
C ASP A 336 36.47 6.05 -17.64
N ASN A 337 36.41 4.75 -17.39
CA ASN A 337 36.23 3.81 -18.47
C ASN A 337 35.24 2.70 -18.13
N ILE A 338 34.49 2.84 -17.03
CA ILE A 338 33.78 1.70 -16.48
C ILE A 338 32.76 1.18 -17.49
N ARG A 339 32.11 2.07 -18.23
CA ARG A 339 31.10 1.63 -19.18
C ARG A 339 31.69 1.00 -20.43
N GLU A 340 33.02 1.02 -20.56
CA GLU A 340 33.74 0.36 -21.64
C GLU A 340 34.43 -0.90 -21.18
N THR A 341 34.13 -1.38 -19.98
CA THR A 341 34.73 -2.60 -19.49
C THR A 341 33.67 -3.68 -19.50
N ALA A 342 34.10 -4.91 -19.23
CA ALA A 342 33.18 -6.03 -19.25
C ALA A 342 32.26 -5.95 -18.03
N ALA A 343 30.95 -5.98 -18.26
CA ALA A 343 30.02 -5.97 -17.14
C ALA A 343 30.09 -7.30 -16.40
N PRO A 344 29.69 -7.33 -15.12
CA PRO A 344 29.72 -8.60 -14.36
C PRO A 344 28.81 -9.69 -14.92
N VAL A 345 27.61 -9.35 -15.37
CA VAL A 345 26.68 -10.31 -15.96
C VAL A 345 26.41 -9.78 -17.37
N VAL A 346 26.90 -10.50 -18.37
CA VAL A 346 26.56 -10.22 -19.76
C VAL A 346 25.37 -11.11 -20.09
N PRO A 347 24.23 -10.54 -20.52
CA PRO A 347 23.06 -11.38 -20.77
C PRO A 347 23.24 -12.24 -22.02
N GLU A 348 22.80 -13.49 -21.91
CA GLU A 348 22.75 -14.39 -23.05
C GLU A 348 21.38 -14.21 -23.69
N LEU A 349 21.35 -13.69 -24.91
CA LEU A 349 20.11 -13.32 -25.56
C LEU A 349 19.93 -14.18 -26.80
N SER A 350 18.77 -14.83 -26.88
CA SER A 350 18.41 -15.79 -27.92
C SER A 350 17.71 -15.17 -29.11
N SER A 351 17.26 -13.92 -29.01
CA SER A 351 16.40 -13.29 -30.01
C SER A 351 16.45 -11.79 -29.78
N ASP A 352 16.02 -11.01 -30.77
CA ASP A 352 15.90 -9.57 -30.55
C ASP A 352 14.67 -9.18 -29.74
N ILE A 353 13.80 -10.13 -29.40
CA ILE A 353 12.63 -9.97 -28.53
C ILE A 353 12.72 -10.91 -27.34
N ASP A 354 13.92 -11.41 -27.07
CA ASP A 354 14.15 -12.19 -25.86
C ASP A 354 13.77 -11.35 -24.65
N SER A 355 12.81 -11.86 -23.86
CA SER A 355 12.33 -11.20 -22.66
C SER A 355 12.55 -12.07 -21.42
N SER A 356 13.50 -13.00 -21.47
CA SER A 356 13.73 -13.92 -20.35
C SER A 356 14.21 -13.21 -19.08
N ASN A 357 14.72 -11.98 -19.17
CA ASN A 357 15.15 -11.28 -17.95
C ASN A 357 14.02 -10.46 -17.31
N PHE A 358 12.77 -10.67 -17.75
CA PHE A 358 11.61 -9.97 -17.22
C PHE A 358 10.54 -10.98 -16.82
N ASP A 359 10.03 -10.86 -15.60
CA ASP A 359 8.94 -11.73 -15.16
C ASP A 359 7.67 -11.47 -15.97
N ASP A 360 6.83 -12.49 -16.07
CA ASP A 360 5.51 -12.31 -16.67
C ASP A 360 4.64 -11.43 -15.79
N ILE A 361 3.68 -10.76 -16.41
CA ILE A 361 2.69 -9.98 -15.68
C ILE A 361 1.31 -10.23 -16.29
N GLU A 362 0.30 -10.41 -15.43
CA GLU A 362 -1.03 -10.84 -15.83
C GLU A 362 -1.92 -9.65 -16.19
N ASP A 363 -3.18 -9.92 -16.53
CA ASP A 363 -4.13 -8.88 -16.91
C ASP A 363 -5.25 -8.76 -15.87
N VAL A 368 -9.89 -1.68 -17.24
CA VAL A 368 -9.69 -0.32 -17.69
C VAL A 368 -10.98 0.47 -17.56
N GLU A 369 -10.87 1.71 -17.12
CA GLU A 369 -12.00 2.62 -17.11
C GLU A 369 -11.71 3.80 -18.03
N THR A 370 -12.80 4.45 -18.45
CA THR A 370 -12.77 5.48 -19.48
C THR A 370 -13.58 6.70 -19.03
N PHE A 371 -13.34 7.80 -19.74
CA PHE A 371 -13.96 9.06 -19.38
C PHE A 371 -15.48 8.99 -19.53
N PRO A 372 -16.22 9.71 -18.68
CA PRO A 372 -17.66 9.83 -18.88
C PRO A 372 -17.98 10.77 -20.03
N ILE A 373 -18.88 10.34 -20.92
CA ILE A 373 -19.40 11.18 -22.00
C ILE A 373 -19.86 12.52 -21.40
N PRO A 374 -19.34 13.64 -21.87
CA PRO A 374 -19.59 14.92 -21.21
C PRO A 374 -20.89 15.59 -21.66
N LYS A 375 -21.42 16.43 -20.77
CA LYS A 375 -22.58 17.23 -21.08
C LYS A 375 -22.24 18.65 -21.50
N ALA A 376 -21.13 19.20 -20.99
CA ALA A 376 -20.55 20.45 -21.45
C ALA A 376 -19.11 20.19 -21.87
N PHE A 377 -18.44 21.24 -22.35
CA PHE A 377 -17.03 21.13 -22.66
C PHE A 377 -16.23 21.00 -21.36
N VAL A 378 -15.56 19.86 -21.19
CA VAL A 378 -14.71 19.63 -20.04
C VAL A 378 -13.23 19.82 -20.38
N GLY A 379 -12.81 19.34 -21.55
CA GLY A 379 -11.43 19.55 -21.96
C GLY A 379 -10.44 18.58 -21.36
N ASN A 380 -10.80 17.30 -21.31
CA ASN A 380 -9.93 16.29 -20.71
C ASN A 380 -8.64 16.08 -21.51
N GLN A 381 -8.62 16.44 -22.79
CA GLN A 381 -7.44 16.23 -23.62
C GLN A 381 -6.48 17.42 -23.60
N LEU A 382 -6.88 18.57 -23.06
CA LEU A 382 -6.00 19.74 -23.06
C LEU A 382 -4.67 19.54 -22.34
N PRO A 383 -4.58 18.80 -21.21
CA PRO A 383 -3.26 18.70 -20.54
C PRO A 383 -2.23 17.90 -21.34
N PHE A 384 -2.63 17.18 -22.38
CA PHE A 384 -1.71 16.33 -23.12
C PHE A 384 -1.29 16.96 -24.45
N ILE A 385 -1.62 18.23 -24.67
CA ILE A 385 -1.25 18.92 -25.90
C ILE A 385 0.24 19.24 -25.87
N GLY A 386 0.95 18.82 -26.94
CA GLY A 386 2.39 18.97 -27.01
C GLY A 386 3.17 17.75 -26.61
N PHE A 387 2.50 16.66 -26.23
CA PHE A 387 3.22 15.46 -25.84
C PHE A 387 3.85 14.77 -27.05
N THR A 388 3.20 14.85 -28.21
CA THR A 388 3.67 14.13 -29.39
C THR A 388 5.09 14.55 -29.77
N TYR A 389 5.92 13.58 -30.09
CA TYR A 389 7.29 13.93 -30.46
C TYR A 389 7.88 12.92 -31.43
N TYR A 390 8.45 13.43 -32.53
CA TYR A 390 9.15 12.63 -33.54
C TYR A 390 10.57 13.19 -33.79
N LYS B 3 -2.14 -31.04 37.76
CA LYS B 3 -2.35 -32.21 36.93
C LYS B 3 -2.35 -31.82 35.45
N LEU B 4 -2.01 -32.79 34.61
CA LEU B 4 -1.99 -32.55 33.19
C LEU B 4 -3.39 -32.70 32.60
N GLU B 5 -4.22 -33.60 33.14
CA GLU B 5 -5.59 -33.72 32.68
C GLU B 5 -6.41 -32.46 32.96
N ALA B 6 -5.93 -31.57 33.83
CA ALA B 6 -6.60 -30.29 34.03
C ALA B 6 -6.50 -29.41 32.80
N LEU B 7 -5.28 -29.17 32.30
CA LEU B 7 -5.13 -28.27 31.16
C LEU B 7 -5.61 -28.88 29.84
N ILE B 8 -5.72 -30.21 29.74
CA ILE B 8 -6.31 -30.78 28.52
C ILE B 8 -7.81 -30.48 28.47
N ARG B 9 -8.47 -30.41 29.65
CA ARG B 9 -9.92 -30.22 29.67
C ARG B 9 -10.33 -28.74 29.54
N ASP B 10 -9.42 -27.82 29.82
CA ASP B 10 -9.73 -26.39 29.81
C ASP B 10 -9.85 -25.87 28.37
N PRO B 11 -11.00 -25.32 27.96
CA PRO B 11 -11.13 -24.85 26.58
C PRO B 11 -10.25 -23.67 26.24
N ARG B 12 -9.72 -22.97 27.24
CA ARG B 12 -8.79 -21.87 26.99
C ARG B 12 -7.35 -22.34 26.85
N SER B 13 -7.06 -23.62 27.12
CA SER B 13 -5.71 -24.11 27.02
C SER B 13 -5.29 -24.24 25.55
N PRO B 14 -4.02 -23.99 25.24
CA PRO B 14 -3.52 -24.26 23.87
C PRO B 14 -3.50 -25.75 23.50
N ILE B 15 -3.63 -26.69 24.44
CA ILE B 15 -3.55 -28.10 24.08
C ILE B 15 -4.77 -28.88 24.55
N ASN B 16 -5.94 -28.28 24.50
CA ASN B 16 -7.14 -29.04 24.71
C ASN B 16 -7.32 -30.06 23.57
N VAL B 17 -8.30 -30.94 23.73
CA VAL B 17 -8.47 -32.04 22.77
C VAL B 17 -8.67 -31.51 21.35
N GLU B 18 -9.36 -30.37 21.21
CA GLU B 18 -9.64 -29.88 19.86
C GLU B 18 -8.39 -29.27 19.23
N SER B 19 -7.46 -28.79 20.05
CA SER B 19 -6.19 -28.34 19.51
C SER B 19 -5.30 -29.51 19.14
N LEU B 20 -5.29 -30.56 19.96
CA LEU B 20 -4.53 -31.74 19.60
C LEU B 20 -5.08 -32.34 18.32
N LEU B 21 -6.40 -32.38 18.16
CA LEU B 21 -6.99 -32.85 16.92
C LEU B 21 -6.59 -31.97 15.73
N ASP B 22 -6.57 -30.64 15.93
CA ASP B 22 -6.04 -29.74 14.90
C ASP B 22 -4.63 -30.14 14.51
N GLY B 23 -3.81 -30.46 15.51
CA GLY B 23 -2.41 -30.78 15.23
C GLY B 23 -2.27 -32.06 14.44
N LEU B 24 -3.03 -33.10 14.82
CA LEU B 24 -3.00 -34.33 14.03
C LEU B 24 -3.44 -34.06 12.60
N ASN B 25 -4.58 -33.37 12.44
CA ASN B 25 -5.14 -33.13 11.11
C ASN B 25 -4.21 -32.28 10.25
N SER B 26 -3.54 -31.29 10.84
CA SER B 26 -2.69 -30.42 10.05
C SER B 26 -1.36 -31.09 9.71
N LEU B 27 -0.88 -31.96 10.59
CA LEU B 27 0.29 -32.76 10.27
C LEU B 27 0.02 -33.66 9.08
N VAL B 28 -1.14 -34.31 9.05
CA VAL B 28 -1.48 -35.20 7.94
C VAL B 28 -1.59 -34.41 6.64
N LEU B 29 -2.16 -33.21 6.70
CA LEU B 29 -2.28 -32.45 5.47
C LEU B 29 -0.94 -31.93 4.97
N ASP B 30 -0.03 -31.60 5.88
CA ASP B 30 1.26 -31.04 5.49
C ASP B 30 2.25 -32.10 5.01
N LEU B 31 1.85 -33.38 5.03
CA LEU B 31 2.71 -34.46 4.56
C LEU B 31 2.12 -35.29 3.43
N ASP B 32 0.79 -35.29 3.24
CA ASP B 32 0.17 -36.16 2.25
C ASP B 32 0.40 -35.61 0.83
N PHE B 33 1.63 -35.76 0.36
CA PHE B 33 2.06 -35.43 -1.00
C PHE B 33 3.03 -36.49 -1.49
N PRO B 34 3.03 -36.78 -2.79
CA PRO B 34 3.93 -37.83 -3.31
C PRO B 34 5.40 -37.56 -3.04
N ALA B 35 5.85 -36.31 -3.20
CA ALA B 35 7.26 -36.00 -2.97
C ALA B 35 7.69 -36.36 -1.55
N LEU B 36 6.90 -35.99 -0.54
CA LEU B 36 7.27 -36.24 0.84
C LEU B 36 7.03 -37.68 1.24
N ARG B 37 6.18 -38.37 0.51
CA ARG B 37 5.81 -39.74 0.83
C ARG B 37 6.83 -40.75 0.34
N LYS B 38 7.97 -40.30 -0.21
CA LYS B 38 9.08 -41.21 -0.45
C LYS B 38 9.92 -41.40 0.80
N ASN B 39 9.84 -40.47 1.75
CA ASN B 39 10.31 -40.72 3.10
C ASN B 39 9.47 -41.82 3.74
N LYS B 40 10.12 -42.83 4.34
CA LYS B 40 9.38 -43.97 4.89
C LYS B 40 8.79 -43.67 6.26
N ASN B 41 9.46 -42.84 7.07
CA ASN B 41 8.85 -42.32 8.29
C ASN B 41 7.52 -41.66 7.98
N ILE B 42 7.52 -40.76 6.98
CA ILE B 42 6.31 -40.05 6.61
C ILE B 42 5.25 -41.00 6.06
N ASP B 43 5.65 -41.88 5.14
CA ASP B 43 4.63 -42.70 4.49
C ASP B 43 4.06 -43.73 5.45
N ASN B 44 4.89 -44.33 6.30
CA ASN B 44 4.36 -45.27 7.27
C ASN B 44 3.42 -44.59 8.26
N PHE B 45 3.67 -43.31 8.55
CA PHE B 45 2.80 -42.56 9.45
C PHE B 45 1.45 -42.28 8.79
N LEU B 46 1.48 -41.82 7.53
CA LEU B 46 0.21 -41.54 6.87
C LEU B 46 -0.62 -42.81 6.74
N ASN B 47 0.04 -43.95 6.54
CA ASN B 47 -0.68 -45.21 6.41
C ASN B 47 -1.50 -45.49 7.67
N ARG B 48 -0.88 -45.31 8.85
CA ARG B 48 -1.59 -45.58 10.09
C ARG B 48 -2.75 -44.63 10.28
N TYR B 49 -2.59 -43.37 9.88
CA TYR B 49 -3.50 -42.31 10.33
C TYR B 49 -4.38 -41.71 9.26
N GLU B 50 -4.07 -41.87 7.97
CA GLU B 50 -4.79 -41.08 6.97
C GLU B 50 -6.26 -41.43 6.92
N LYS B 51 -6.64 -42.67 7.26
CA LYS B 51 -8.05 -43.03 7.13
C LYS B 51 -8.84 -42.59 8.35
N ILE B 52 -8.22 -42.52 9.52
CA ILE B 52 -8.98 -42.08 10.68
C ILE B 52 -9.02 -40.55 10.76
N VAL B 53 -7.95 -39.88 10.30
CA VAL B 53 -7.94 -38.42 10.26
C VAL B 53 -9.01 -37.93 9.28
N LYS B 54 -9.25 -38.68 8.20
CA LYS B 54 -10.31 -38.30 7.26
C LYS B 54 -11.69 -38.49 7.87
N LYS B 55 -11.85 -39.46 8.75
CA LYS B 55 -13.16 -39.64 9.37
C LYS B 55 -13.46 -38.49 10.33
N ILE B 56 -12.46 -38.06 11.11
CA ILE B 56 -12.69 -36.97 12.04
C ILE B 56 -12.85 -35.65 11.29
N ARG B 57 -12.19 -35.50 10.14
CA ARG B 57 -12.39 -34.30 9.34
C ARG B 57 -13.83 -34.16 8.88
N GLY B 58 -14.52 -35.29 8.67
CA GLY B 58 -15.92 -35.24 8.30
C GLY B 58 -16.84 -34.78 9.42
N LEU B 59 -16.48 -35.08 10.66
CA LEU B 59 -17.29 -34.66 11.81
C LEU B 59 -17.07 -33.20 12.19
N GLN B 60 -16.10 -32.52 11.57
CA GLN B 60 -15.82 -31.13 11.89
C GLN B 60 -16.86 -30.20 11.27
N MET B 61 -17.07 -29.06 11.91
CA MET B 61 -17.90 -28.02 11.32
C MET B 61 -17.26 -27.52 10.02
N LYS B 62 -18.08 -27.19 9.04
CA LYS B 62 -17.62 -26.86 7.70
C LYS B 62 -18.37 -25.67 7.14
N ALA B 63 -17.73 -25.00 6.19
CA ALA B 63 -18.38 -23.88 5.52
C ALA B 63 -19.69 -24.32 4.89
N GLU B 64 -19.77 -25.57 4.44
CA GLU B 64 -20.96 -26.06 3.78
C GLU B 64 -22.12 -26.27 4.73
N ASP B 65 -21.90 -26.13 6.04
CA ASP B 65 -23.01 -26.15 6.98
C ASP B 65 -23.80 -24.85 6.99
N TYR B 66 -23.38 -23.84 6.23
CA TYR B 66 -24.02 -22.52 6.28
C TYR B 66 -24.46 -22.06 4.89
N ASP B 67 -25.62 -21.39 4.85
CA ASP B 67 -26.06 -20.58 3.70
C ASP B 67 -25.41 -19.21 3.77
N VAL B 68 -24.71 -18.81 2.71
CA VAL B 68 -24.20 -17.44 2.60
C VAL B 68 -25.32 -16.55 2.08
N VAL B 69 -25.70 -15.55 2.86
CA VAL B 69 -26.81 -14.67 2.51
C VAL B 69 -26.35 -13.42 1.75
N LYS B 70 -25.23 -12.84 2.15
CA LYS B 70 -24.71 -11.53 1.75
C LYS B 70 -23.29 -11.35 2.27
N VAL B 71 -22.44 -10.70 1.48
CA VAL B 71 -21.16 -10.26 2.01
C VAL B 71 -21.39 -8.88 2.62
N ILE B 72 -20.95 -8.67 3.87
CA ILE B 72 -21.23 -7.45 4.61
C ILE B 72 -19.99 -6.76 5.14
N GLY B 73 -18.81 -7.33 4.93
CA GLY B 73 -17.58 -6.74 5.38
C GLY B 73 -16.42 -7.34 4.60
N ARG B 74 -15.34 -6.58 4.49
CA ARG B 74 -14.15 -7.05 3.79
C ARG B 74 -12.95 -6.56 4.56
N GLY B 75 -11.86 -7.31 4.45
CA GLY B 75 -10.60 -6.95 5.08
C GLY B 75 -9.43 -7.37 4.23
N ALA B 76 -8.22 -7.20 4.75
CA ALA B 76 -7.02 -7.52 3.97
C ALA B 76 -7.01 -8.98 3.53
N PHE B 77 -7.38 -9.89 4.42
CA PHE B 77 -7.22 -11.31 4.17
C PHE B 77 -8.52 -12.07 3.99
N GLY B 78 -9.66 -11.39 3.98
CA GLY B 78 -10.93 -12.09 3.78
C GLY B 78 -12.14 -11.18 3.89
N GLU B 79 -13.25 -11.78 4.30
CA GLU B 79 -14.52 -11.06 4.30
C GLU B 79 -15.40 -11.54 5.45
N VAL B 80 -16.45 -10.77 5.71
CA VAL B 80 -17.48 -11.14 6.68
C VAL B 80 -18.76 -11.41 5.90
N GLN B 81 -19.34 -12.59 6.11
CA GLN B 81 -20.58 -12.99 5.47
C GLN B 81 -21.69 -13.06 6.52
N LEU B 82 -22.86 -12.60 6.12
CA LEU B 82 -24.10 -12.91 6.82
C LEU B 82 -24.49 -14.33 6.44
N VAL B 83 -24.63 -15.20 7.44
CA VAL B 83 -24.88 -16.62 7.17
C VAL B 83 -26.04 -17.15 8.02
N ARG B 84 -26.63 -18.22 7.51
N ARG B 84 -26.67 -18.20 7.50
CA ARG B 84 -27.72 -18.93 8.16
CA ARG B 84 -27.71 -18.90 8.22
C ARG B 84 -27.27 -20.37 8.31
C ARG B 84 -27.28 -20.36 8.32
N HIS B 85 -27.28 -20.88 9.55
CA HIS B 85 -26.93 -22.28 9.78
C HIS B 85 -28.02 -23.17 9.18
N LYS B 86 -27.65 -24.09 8.29
CA LYS B 86 -28.65 -24.81 7.51
C LYS B 86 -29.53 -25.69 8.40
N ALA B 87 -28.91 -26.37 9.36
CA ALA B 87 -29.67 -27.27 10.23
C ALA B 87 -30.58 -26.52 11.18
N SER B 88 -30.10 -25.42 11.80
CA SER B 88 -30.90 -24.73 12.82
C SER B 88 -31.59 -23.50 12.30
N GLN B 89 -31.20 -23.01 11.10
CA GLN B 89 -31.72 -21.76 10.54
C GLN B 89 -31.35 -20.52 11.36
N LYS B 90 -30.46 -20.62 12.33
CA LYS B 90 -30.01 -19.44 13.05
C LYS B 90 -29.04 -18.59 12.23
N VAL B 91 -29.16 -17.27 12.38
CA VAL B 91 -28.40 -16.31 11.61
C VAL B 91 -27.18 -15.84 12.38
N TYR B 92 -26.04 -15.73 11.68
CA TYR B 92 -24.78 -15.30 12.30
C TYR B 92 -23.98 -14.44 11.33
N ALA B 93 -22.98 -13.78 11.87
CA ALA B 93 -21.94 -13.13 11.10
C ALA B 93 -20.74 -14.05 11.08
N MET B 94 -20.22 -14.37 9.90
CA MET B 94 -19.11 -15.31 9.77
C MET B 94 -17.91 -14.63 9.11
N LYS B 95 -16.80 -14.54 9.84
CA LYS B 95 -15.58 -13.95 9.32
C LYS B 95 -14.68 -15.04 8.73
N LEU B 96 -14.17 -14.81 7.52
CA LEU B 96 -13.27 -15.73 6.82
C LEU B 96 -11.89 -15.09 6.66
N LEU B 97 -10.86 -15.85 6.97
CA LEU B 97 -9.48 -15.44 6.76
C LEU B 97 -8.86 -16.43 5.79
N SER B 98 -8.24 -15.92 4.72
CA SER B 98 -7.67 -16.80 3.70
C SER B 98 -6.32 -17.30 4.18
N LYS B 99 -6.16 -18.62 4.23
CA LYS B 99 -4.85 -19.13 4.61
C LYS B 99 -3.83 -18.81 3.52
N PHE B 100 -4.21 -18.99 2.24
CA PHE B 100 -3.25 -18.74 1.18
C PHE B 100 -2.66 -17.33 1.27
N GLU B 101 -3.48 -16.33 1.58
CA GLU B 101 -2.93 -14.98 1.64
C GLU B 101 -2.42 -14.57 3.02
N MET B 102 -2.74 -15.31 4.08
CA MET B 102 -2.03 -15.04 5.32
C MET B 102 -0.62 -15.61 5.24
N ILE B 103 -0.44 -16.63 4.38
CA ILE B 103 0.83 -17.35 4.18
C ILE B 103 1.67 -16.65 3.13
N LYS B 104 1.01 -16.26 2.03
CA LYS B 104 1.65 -15.60 0.91
C LYS B 104 2.19 -14.22 1.27
N ARG B 105 1.75 -13.63 2.37
CA ARG B 105 2.32 -12.37 2.86
C ARG B 105 2.72 -12.52 4.31
N SER B 106 2.75 -13.77 4.77
CA SER B 106 3.41 -14.20 6.01
C SER B 106 3.15 -13.19 7.13
N ASP B 107 1.84 -12.94 7.32
CA ASP B 107 1.17 -12.40 8.51
C ASP B 107 0.19 -13.52 8.82
N SER B 108 0.52 -14.33 9.83
CA SER B 108 -0.24 -15.52 10.14
C SER B 108 -0.41 -15.70 11.64
N ALA B 109 -0.32 -14.63 12.42
CA ALA B 109 -0.44 -14.70 13.86
C ALA B 109 -1.32 -13.60 14.44
N PHE B 110 -1.91 -12.73 13.60
CA PHE B 110 -2.65 -11.57 14.09
C PHE B 110 -3.97 -11.94 14.75
N PHE B 111 -4.57 -13.04 14.31
CA PHE B 111 -5.94 -13.41 14.65
C PHE B 111 -6.11 -14.07 16.01
N TRP B 112 -5.01 -14.46 16.68
CA TRP B 112 -5.15 -15.27 17.89
C TRP B 112 -5.87 -14.51 18.99
N GLU B 113 -5.63 -13.21 19.10
CA GLU B 113 -6.25 -12.44 20.17
C GLU B 113 -7.72 -12.16 19.89
N GLU B 114 -8.09 -11.93 18.63
CA GLU B 114 -9.49 -11.82 18.30
C GLU B 114 -10.24 -13.06 18.80
N ARG B 115 -9.73 -14.25 18.45
CA ARG B 115 -10.40 -15.49 18.80
C ARG B 115 -10.61 -15.60 20.30
N ASP B 116 -9.59 -15.30 21.09
CA ASP B 116 -9.73 -15.51 22.53
C ASP B 116 -10.60 -14.43 23.19
N ILE B 117 -10.54 -13.20 22.67
CA ILE B 117 -11.41 -12.13 23.17
C ILE B 117 -12.87 -12.49 22.95
N MET B 118 -13.24 -12.77 21.71
CA MET B 118 -14.64 -13.00 21.39
C MET B 118 -15.14 -14.31 22.00
N ALA B 119 -14.29 -15.31 22.17
CA ALA B 119 -14.75 -16.56 22.75
C ALA B 119 -15.00 -16.42 24.24
N PHE B 120 -14.12 -15.71 24.96
CA PHE B 120 -14.02 -15.82 26.41
C PHE B 120 -14.22 -14.52 27.18
N ALA B 121 -14.29 -13.37 26.53
CA ALA B 121 -14.43 -12.13 27.29
C ALA B 121 -15.72 -12.12 28.13
N ASN B 122 -16.81 -12.65 27.57
CA ASN B 122 -18.09 -12.69 28.28
C ASN B 122 -18.41 -11.32 28.87
N SER B 123 -18.46 -10.33 27.99
CA SER B 123 -18.69 -8.94 28.33
C SER B 123 -19.72 -8.39 27.36
N PRO B 124 -20.57 -7.48 27.83
CA PRO B 124 -21.59 -6.90 26.93
C PRO B 124 -20.98 -5.98 25.86
N TRP B 125 -19.69 -5.66 25.94
CA TRP B 125 -19.01 -4.74 25.03
C TRP B 125 -18.29 -5.44 23.88
N VAL B 126 -18.27 -6.77 23.86
CA VAL B 126 -17.48 -7.54 22.90
C VAL B 126 -18.42 -8.47 22.14
N VAL B 127 -18.33 -8.45 20.80
CA VAL B 127 -19.06 -9.41 19.99
C VAL B 127 -18.66 -10.82 20.41
N GLN B 128 -19.66 -11.64 20.70
CA GLN B 128 -19.39 -12.98 21.17
C GLN B 128 -19.12 -13.92 20.00
N LEU B 129 -18.15 -14.82 20.18
CA LEU B 129 -17.86 -15.87 19.20
C LEU B 129 -18.50 -17.19 19.62
N PHE B 130 -19.10 -17.91 18.66
CA PHE B 130 -19.70 -19.21 18.95
C PHE B 130 -18.86 -20.36 18.44
N TYR B 131 -18.33 -20.26 17.23
CA TYR B 131 -17.51 -21.32 16.68
C TYR B 131 -16.34 -20.69 15.95
N ALA B 132 -15.17 -21.30 16.10
CA ALA B 132 -14.03 -21.08 15.22
C ALA B 132 -13.67 -22.42 14.60
N PHE B 133 -13.54 -22.46 13.29
CA PHE B 133 -13.11 -23.69 12.67
C PHE B 133 -12.28 -23.36 11.42
N GLN B 134 -11.83 -24.41 10.75
CA GLN B 134 -10.91 -24.20 9.63
C GLN B 134 -11.09 -25.31 8.62
N ASP B 135 -10.61 -25.04 7.41
CA ASP B 135 -10.36 -26.08 6.43
C ASP B 135 -8.98 -25.79 5.81
N ASP B 136 -8.60 -26.54 4.77
CA ASP B 136 -7.23 -26.40 4.26
C ASP B 136 -6.99 -25.03 3.65
N ARG B 137 -8.03 -24.25 3.36
CA ARG B 137 -7.89 -22.91 2.79
C ARG B 137 -8.23 -21.75 3.72
N TYR B 138 -9.14 -21.92 4.68
CA TYR B 138 -9.67 -20.77 5.40
C TYR B 138 -9.81 -21.03 6.90
N LEU B 139 -9.61 -19.96 7.69
CA LEU B 139 -10.14 -19.87 9.04
C LEU B 139 -11.56 -19.31 9.00
N TYR B 140 -12.40 -19.74 9.94
CA TYR B 140 -13.78 -19.25 10.03
C TYR B 140 -14.12 -18.91 11.48
N MET B 141 -14.71 -17.75 11.69
CA MET B 141 -15.20 -17.35 13.01
C MET B 141 -16.68 -17.03 12.89
N VAL B 142 -17.50 -17.76 13.64
CA VAL B 142 -18.96 -17.59 13.63
C VAL B 142 -19.34 -16.77 14.86
N MET B 143 -19.81 -15.54 14.63
CA MET B 143 -20.09 -14.55 15.66
C MET B 143 -21.56 -14.20 15.68
N GLU B 144 -21.99 -13.55 16.76
CA GLU B 144 -23.32 -12.98 16.78
C GLU B 144 -23.41 -11.86 15.77
N TYR B 145 -24.54 -11.83 15.06
CA TYR B 145 -24.78 -10.82 14.03
C TYR B 145 -25.19 -9.53 14.69
N MET B 146 -24.54 -8.42 14.31
CA MET B 146 -24.84 -7.10 14.86
C MET B 146 -25.60 -6.31 13.80
N PRO B 147 -26.94 -6.36 13.79
CA PRO B 147 -27.68 -5.83 12.63
C PRO B 147 -27.78 -4.32 12.58
N GLY B 148 -27.39 -3.60 13.62
CA GLY B 148 -27.39 -2.14 13.53
C GLY B 148 -26.34 -1.53 12.62
N GLY B 149 -25.45 -2.33 12.01
CA GLY B 149 -24.38 -1.76 11.22
C GLY B 149 -23.30 -1.18 12.11
N ASP B 150 -22.37 -0.47 11.49
CA ASP B 150 -21.25 0.12 12.22
C ASP B 150 -21.41 1.64 12.30
N LEU B 151 -20.43 2.27 12.96
CA LEU B 151 -20.52 3.71 13.14
C LEU B 151 -20.13 4.51 11.90
N VAL B 152 -19.37 3.91 10.96
CA VAL B 152 -19.19 4.55 9.65
C VAL B 152 -20.54 4.79 9.01
N ASN B 153 -21.39 3.76 8.99
CA ASN B 153 -22.71 3.85 8.38
C ASN B 153 -23.63 4.81 9.14
N LEU B 154 -23.54 4.82 10.48
CA LEU B 154 -24.36 5.78 11.23
C LEU B 154 -23.99 7.21 10.88
N MET B 155 -22.70 7.53 10.86
CA MET B 155 -22.28 8.89 10.52
C MET B 155 -22.63 9.27 9.08
N SER B 156 -22.58 8.30 8.14
CA SER B 156 -22.96 8.60 6.76
C SER B 156 -24.43 8.96 6.64
N ASN B 157 -25.27 8.44 7.54
CA ASN B 157 -26.71 8.58 7.39
C ASN B 157 -27.33 9.63 8.30
N TYR B 158 -26.60 10.11 9.30
CA TYR B 158 -27.12 11.07 10.27
C TYR B 158 -26.09 12.16 10.46
N ASP B 159 -26.55 13.34 10.78
CA ASP B 159 -25.67 14.37 11.30
C ASP B 159 -25.80 14.31 12.80
N VAL B 160 -24.68 14.12 13.48
CA VAL B 160 -24.66 13.57 14.83
C VAL B 160 -24.67 14.71 15.83
N PRO B 161 -25.76 14.96 16.54
CA PRO B 161 -25.77 15.99 17.58
C PRO B 161 -24.94 15.55 18.77
N GLU B 162 -24.55 16.54 19.59
CA GLU B 162 -23.68 16.25 20.73
C GLU B 162 -24.33 15.31 21.73
N LYS B 163 -25.65 15.40 21.92
CA LYS B 163 -26.31 14.45 22.80
C LYS B 163 -26.05 13.01 22.35
N TRP B 164 -26.01 12.77 21.03
CA TRP B 164 -25.69 11.43 20.53
C TRP B 164 -24.22 11.11 20.72
N ALA B 165 -23.33 12.04 20.35
CA ALA B 165 -21.89 11.82 20.47
C ALA B 165 -21.49 11.53 21.91
N LYS B 166 -22.15 12.20 22.87
CA LYS B 166 -21.96 11.89 24.29
C LYS B 166 -22.13 10.40 24.57
N PHE B 167 -23.23 9.83 24.06
CA PHE B 167 -23.60 8.44 24.34
C PHE B 167 -22.62 7.45 23.71
N TYR B 168 -22.35 7.61 22.41
CA TYR B 168 -21.43 6.70 21.73
C TYR B 168 -20.01 6.83 22.24
N THR B 169 -19.57 8.04 22.61
CA THR B 169 -18.24 8.17 23.19
C THR B 169 -18.13 7.42 24.50
N ALA B 170 -19.14 7.59 25.35
CA ALA B 170 -19.17 6.89 26.63
C ALA B 170 -19.16 5.38 26.45
N GLU B 171 -19.94 4.87 25.49
CA GLU B 171 -19.98 3.42 25.30
C GLU B 171 -18.62 2.90 24.82
N VAL B 172 -17.96 3.64 23.92
CA VAL B 172 -16.62 3.25 23.44
C VAL B 172 -15.63 3.25 24.60
N VAL B 173 -15.63 4.32 25.41
CA VAL B 173 -14.75 4.40 26.56
C VAL B 173 -14.92 3.17 27.45
N LEU B 174 -16.17 2.78 27.73
CA LEU B 174 -16.40 1.64 28.60
C LEU B 174 -15.94 0.35 27.95
N ALA B 175 -16.26 0.18 26.66
CA ALA B 175 -15.80 -1.02 25.96
C ALA B 175 -14.28 -1.12 26.00
N LEU B 176 -13.56 0.00 25.80
CA LEU B 176 -12.10 -0.04 25.86
C LEU B 176 -11.59 -0.38 27.26
N ASP B 177 -12.18 0.21 28.30
CA ASP B 177 -11.79 -0.12 29.67
C ASP B 177 -12.01 -1.59 29.97
N ALA B 178 -13.06 -2.21 29.40
CA ALA B 178 -13.21 -3.66 29.55
C ALA B 178 -12.09 -4.40 28.85
N ILE B 179 -11.73 -3.96 27.64
CA ILE B 179 -10.60 -4.53 26.91
C ILE B 179 -9.33 -4.42 27.73
N HIS B 180 -9.06 -3.22 28.26
CA HIS B 180 -7.87 -3.02 29.08
C HIS B 180 -7.86 -3.96 30.28
N SER B 181 -9.02 -4.12 30.94
CA SER B 181 -9.05 -4.94 32.15
C SER B 181 -8.81 -6.42 31.86
N MET B 182 -8.94 -6.84 30.60
CA MET B 182 -8.48 -8.16 30.21
C MET B 182 -7.01 -8.17 29.83
N GLY B 183 -6.30 -7.06 30.00
CA GLY B 183 -4.89 -7.03 29.70
C GLY B 183 -4.55 -6.80 28.25
N LEU B 184 -5.44 -6.18 27.49
CA LEU B 184 -5.23 -5.99 26.07
C LEU B 184 -5.29 -4.51 25.76
N ILE B 185 -4.51 -4.11 24.77
CA ILE B 185 -4.58 -2.78 24.18
C ILE B 185 -5.05 -2.92 22.74
N HIS B 186 -6.02 -2.10 22.34
CA HIS B 186 -6.61 -2.24 21.02
C HIS B 186 -5.69 -1.69 19.92
N ARG B 187 -5.25 -0.43 20.08
CA ARG B 187 -4.33 0.35 19.23
C ARG B 187 -4.97 0.92 17.97
N ASP B 188 -6.05 0.33 17.45
CA ASP B 188 -6.68 0.85 16.24
C ASP B 188 -8.21 0.81 16.33
N VAL B 189 -8.77 1.44 17.36
CA VAL B 189 -10.22 1.55 17.45
C VAL B 189 -10.70 2.58 16.45
N LYS B 190 -11.76 2.25 15.73
CA LYS B 190 -12.28 3.17 14.73
C LYS B 190 -13.72 2.79 14.43
N PRO B 191 -14.48 3.68 13.79
CA PRO B 191 -15.90 3.41 13.54
C PRO B 191 -16.18 2.11 12.81
N ASP B 192 -15.25 1.61 11.99
CA ASP B 192 -15.44 0.29 11.37
C ASP B 192 -15.46 -0.83 12.41
N ASN B 193 -14.77 -0.64 13.53
CA ASN B 193 -14.68 -1.64 14.60
C ASN B 193 -15.83 -1.59 15.56
N MET B 194 -16.68 -0.57 15.43
CA MET B 194 -17.75 -0.30 16.37
C MET B 194 -19.09 -0.71 15.75
N LEU B 195 -19.71 -1.74 16.30
CA LEU B 195 -20.97 -2.26 15.77
C LEU B 195 -22.11 -2.02 16.75
N LEU B 196 -23.32 -1.96 16.22
CA LEU B 196 -24.53 -1.71 17.02
C LEU B 196 -25.44 -2.94 16.99
N ASP B 197 -25.97 -3.31 18.15
CA ASP B 197 -26.80 -4.51 18.24
C ASP B 197 -28.24 -4.16 17.85
N LYS B 198 -29.16 -5.14 17.99
CA LYS B 198 -30.57 -4.94 17.66
C LYS B 198 -31.18 -3.76 18.42
N HIS B 199 -30.62 -3.41 19.57
CA HIS B 199 -31.11 -2.31 20.39
C HIS B 199 -30.35 -1.00 20.20
N GLY B 200 -29.38 -0.95 19.29
CA GLY B 200 -28.62 0.26 19.08
C GLY B 200 -27.47 0.48 20.04
N HIS B 201 -27.09 -0.53 20.82
CA HIS B 201 -25.96 -0.42 21.74
C HIS B 201 -24.70 -1.03 21.13
N LEU B 202 -23.56 -0.54 21.61
CA LEU B 202 -22.29 -0.76 20.94
C LEU B 202 -21.64 -2.08 21.34
N LYS B 203 -20.99 -2.73 20.38
CA LYS B 203 -19.98 -3.74 20.71
C LYS B 203 -18.81 -3.56 19.77
N LEU B 204 -17.62 -3.87 20.26
CA LEU B 204 -16.39 -3.84 19.49
C LEU B 204 -16.14 -5.18 18.80
N ALA B 205 -15.54 -5.12 17.62
CA ALA B 205 -15.52 -6.37 16.86
C ALA B 205 -14.16 -6.79 16.31
N ASP B 206 -13.32 -5.86 15.90
CA ASP B 206 -12.13 -6.23 15.10
C ASP B 206 -10.89 -6.06 15.98
N PHE B 207 -10.36 -7.17 16.43
CA PHE B 207 -9.22 -7.13 17.32
C PHE B 207 -7.92 -7.55 16.61
N GLY B 208 -7.85 -7.30 15.30
CA GLY B 208 -6.66 -7.67 14.54
C GLY B 208 -5.41 -6.96 15.03
N THR B 209 -5.57 -5.76 15.58
CA THR B 209 -4.44 -4.98 16.07
C THR B 209 -4.11 -5.27 17.53
N CYS B 210 -4.94 -6.06 18.24
CA CYS B 210 -4.83 -6.16 19.69
C CYS B 210 -3.61 -6.95 20.12
N MET B 211 -2.95 -6.46 21.19
CA MET B 211 -1.75 -7.04 21.76
C MET B 211 -1.86 -7.13 23.29
N LYS B 212 -1.35 -8.22 23.86
CA LYS B 212 -1.37 -8.38 25.32
C LYS B 212 -0.37 -7.44 25.98
N MET B 213 -0.76 -6.88 27.14
CA MET B 213 0.06 -5.88 27.83
C MET B 213 1.15 -6.55 28.67
N ALA B 224 1.88 -5.37 12.96
CA ALA B 224 1.35 -4.85 11.70
C ALA B 224 0.13 -4.00 12.01
N VAL B 225 0.00 -2.82 11.39
CA VAL B 225 -1.11 -1.97 11.83
C VAL B 225 -1.99 -1.39 10.72
N GLY B 226 -1.41 -0.91 9.61
CA GLY B 226 -2.29 -0.47 8.53
C GLY B 226 -2.48 1.03 8.38
N THR B 227 -3.70 1.46 8.00
CA THR B 227 -3.96 2.88 7.74
C THR B 227 -4.04 3.66 9.05
N PRO B 228 -3.38 4.81 9.15
CA PRO B 228 -3.10 5.43 10.45
C PRO B 228 -4.08 6.47 10.94
N ASP B 229 -5.22 6.68 10.26
CA ASP B 229 -6.08 7.83 10.56
C ASP B 229 -6.48 7.96 12.03
N TYR B 230 -6.63 6.83 12.74
CA TYR B 230 -7.11 6.84 14.12
C TYR B 230 -6.02 6.45 15.12
N ILE B 231 -4.84 6.06 14.63
CA ILE B 231 -3.73 5.59 15.46
C ILE B 231 -2.94 6.77 16.03
N SER B 232 -2.39 6.57 17.24
CA SER B 232 -1.74 7.65 17.98
C SER B 232 -0.28 7.80 17.56
N PRO B 233 0.32 8.97 17.82
CA PRO B 233 1.73 9.19 17.48
C PRO B 233 2.65 8.11 18.03
N GLU B 234 2.40 7.68 19.27
CA GLU B 234 3.32 6.75 19.91
C GLU B 234 3.23 5.36 19.31
N VAL B 235 2.04 4.95 18.85
CA VAL B 235 1.96 3.66 18.19
C VAL B 235 2.58 3.74 16.80
N LEU B 236 2.37 4.85 16.10
CA LEU B 236 3.00 5.02 14.79
C LEU B 236 4.51 4.90 14.91
N LYS B 237 5.11 5.55 15.91
CA LYS B 237 6.57 5.48 16.07
C LYS B 237 7.07 4.08 16.45
N SER B 238 6.25 3.27 17.13
CA SER B 238 6.70 1.96 17.62
C SER B 238 6.78 0.92 16.51
N GLN B 239 6.16 1.17 15.36
CA GLN B 239 6.19 0.19 14.30
C GLN B 239 7.58 0.11 13.63
N TYR B 245 4.61 2.04 24.18
CA TYR B 245 3.33 2.72 24.40
C TYR B 245 2.44 2.02 25.45
N GLY B 246 1.42 2.73 25.93
CA GLY B 246 0.53 2.20 26.94
C GLY B 246 -0.95 2.13 26.58
N ARG B 247 -1.79 1.87 27.58
CA ARG B 247 -3.23 1.77 27.34
C ARG B 247 -3.79 3.08 26.81
N GLU B 248 -3.09 4.19 27.04
CA GLU B 248 -3.59 5.50 26.64
C GLU B 248 -3.53 5.75 25.14
N CYS B 249 -2.81 4.94 24.36
CA CYS B 249 -3.01 5.07 22.91
C CYS B 249 -4.50 4.94 22.54
N ASP B 250 -5.27 4.08 23.24
CA ASP B 250 -6.68 3.93 22.89
C ASP B 250 -7.50 5.20 23.12
N TRP B 251 -7.14 6.03 24.12
CA TRP B 251 -7.88 7.27 24.36
C TRP B 251 -7.63 8.31 23.27
N TRP B 252 -6.43 8.32 22.69
CA TRP B 252 -6.20 9.15 21.51
C TRP B 252 -7.19 8.80 20.41
N SER B 253 -7.39 7.50 20.18
CA SER B 253 -8.36 7.09 19.16
C SER B 253 -9.74 7.62 19.50
N VAL B 254 -10.06 7.74 20.78
CA VAL B 254 -11.38 8.26 21.14
C VAL B 254 -11.52 9.72 20.74
N GLY B 255 -10.46 10.50 20.92
CA GLY B 255 -10.50 11.89 20.46
C GLY B 255 -10.74 12.00 18.97
N VAL B 256 -10.08 11.14 18.17
CA VAL B 256 -10.24 11.17 16.73
C VAL B 256 -11.69 10.87 16.37
N PHE B 257 -12.24 9.82 17.01
CA PHE B 257 -13.64 9.45 16.87
C PHE B 257 -14.58 10.61 17.20
N LEU B 258 -14.40 11.24 18.36
CA LEU B 258 -15.33 12.29 18.77
C LEU B 258 -15.24 13.48 17.82
N TYR B 259 -14.02 13.84 17.41
CA TYR B 259 -13.86 14.87 16.40
C TYR B 259 -14.65 14.54 15.15
N GLU B 260 -14.47 13.33 14.60
CA GLU B 260 -15.15 12.99 13.35
C GLU B 260 -16.66 13.04 13.49
N MET B 261 -17.21 12.60 14.63
CA MET B 261 -18.66 12.64 14.80
C MET B 261 -19.18 14.08 14.76
N LEU B 262 -18.49 15.00 15.44
CA LEU B 262 -18.97 16.37 15.54
C LEU B 262 -18.53 17.25 14.39
N VAL B 263 -17.40 16.96 13.75
CA VAL B 263 -16.88 17.80 12.68
C VAL B 263 -17.30 17.31 11.31
N GLY B 264 -17.33 15.99 11.11
CA GLY B 264 -17.63 15.39 9.81
C GLY B 264 -16.42 14.80 9.10
N ASP B 265 -15.20 15.08 9.55
CA ASP B 265 -14.00 14.50 8.98
C ASP B 265 -13.06 14.12 10.12
N THR B 266 -12.11 13.25 9.82
CA THR B 266 -11.07 12.95 10.79
C THR B 266 -10.13 14.16 10.87
N PRO B 267 -9.55 14.42 12.05
CA PRO B 267 -8.80 15.67 12.23
C PRO B 267 -7.46 15.70 11.51
N PHE B 268 -6.94 14.57 11.04
CA PHE B 268 -5.66 14.53 10.35
C PHE B 268 -5.79 13.86 8.99
N TYR B 269 -6.94 14.04 8.33
CA TYR B 269 -7.10 13.52 6.98
C TYR B 269 -6.14 14.22 6.01
N ALA B 270 -5.60 13.46 5.07
CA ALA B 270 -4.89 14.01 3.92
C ALA B 270 -5.17 13.11 2.74
N ASP B 271 -4.78 13.58 1.55
CA ASP B 271 -5.01 12.83 0.31
C ASP B 271 -4.17 11.56 0.24
N SER B 272 -3.08 11.49 1.01
CA SER B 272 -2.10 10.42 0.94
C SER B 272 -1.92 9.80 2.31
N LEU B 273 -1.52 8.52 2.32
CA LEU B 273 -1.16 7.88 3.58
C LEU B 273 -0.03 8.63 4.31
N VAL B 274 1.01 9.04 3.58
CA VAL B 274 2.15 9.67 4.24
C VAL B 274 1.81 11.09 4.67
N GLY B 275 0.89 11.76 3.96
CA GLY B 275 0.39 13.04 4.45
C GLY B 275 -0.42 12.91 5.75
N THR B 276 -1.24 11.86 5.87
CA THR B 276 -1.95 11.63 7.12
C THR B 276 -0.98 11.35 8.26
N TYR B 277 -0.03 10.44 8.02
CA TYR B 277 1.01 10.11 9.00
C TYR B 277 1.74 11.35 9.47
N SER B 278 2.03 12.28 8.56
CA SER B 278 2.82 13.43 8.98
C SER B 278 1.97 14.48 9.68
N LYS B 279 0.69 14.59 9.32
CA LYS B 279 -0.19 15.46 10.10
C LYS B 279 -0.32 14.95 11.55
N ILE B 280 -0.38 13.63 11.74
CA ILE B 280 -0.54 13.07 13.09
C ILE B 280 0.69 13.34 13.94
N MET B 281 1.88 13.04 13.41
CA MET B 281 3.11 13.35 14.14
C MET B 281 3.26 14.84 14.39
N ASP B 282 2.71 15.68 13.51
CA ASP B 282 2.72 17.14 13.70
C ASP B 282 1.42 17.62 14.32
N HIS B 283 0.83 16.84 15.26
CA HIS B 283 -0.51 17.17 15.74
C HIS B 283 -0.55 18.51 16.47
N LYS B 284 0.56 18.87 17.16
CA LYS B 284 0.58 20.12 17.92
C LYS B 284 0.28 21.34 17.05
N ASN B 285 0.55 21.27 15.74
CA ASN B 285 0.24 22.37 14.83
C ASN B 285 -0.84 22.04 13.80
N SER B 286 -1.13 20.76 13.55
CA SER B 286 -2.07 20.37 12.49
C SER B 286 -3.52 20.24 12.98
N LEU B 287 -3.72 19.98 14.26
CA LEU B 287 -5.07 19.92 14.79
C LEU B 287 -5.71 21.30 14.74
N CYS B 288 -6.82 21.42 14.00
CA CYS B 288 -7.41 22.72 13.73
C CYS B 288 -8.91 22.54 13.48
N PHE B 289 -9.74 23.26 14.24
CA PHE B 289 -11.19 23.10 14.03
C PHE B 289 -11.68 24.07 12.95
N PRO B 290 -12.55 23.61 12.05
CA PRO B 290 -13.13 24.52 11.05
C PRO B 290 -13.91 25.65 11.73
N GLU B 291 -13.77 26.86 11.16
CA GLU B 291 -14.39 28.03 11.78
C GLU B 291 -15.91 27.92 11.81
N ASP B 292 -16.50 27.29 10.78
CA ASP B 292 -17.95 27.12 10.63
C ASP B 292 -18.53 25.95 11.43
N ALA B 293 -17.73 25.29 12.25
CA ALA B 293 -18.17 24.13 13.02
C ALA B 293 -18.85 24.57 14.31
N GLU B 294 -20.15 24.30 14.42
CA GLU B 294 -20.86 24.64 15.65
C GLU B 294 -20.70 23.51 16.68
N ILE B 295 -19.44 23.35 17.14
CA ILE B 295 -19.05 22.45 18.24
C ILE B 295 -18.93 23.22 19.54
N SER B 296 -19.54 22.65 20.59
CA SER B 296 -19.52 23.18 21.95
C SER B 296 -18.10 23.27 22.48
N LYS B 297 -17.98 23.95 23.61
CA LYS B 297 -16.67 24.30 24.16
C LYS B 297 -16.22 23.28 25.19
N HIS B 298 -17.17 22.48 25.71
CA HIS B 298 -16.82 21.28 26.44
C HIS B 298 -16.39 20.19 25.47
N ALA B 299 -17.06 20.08 24.33
CA ALA B 299 -16.67 19.06 23.35
C ALA B 299 -15.28 19.35 22.82
N LYS B 300 -15.03 20.60 22.39
CA LYS B 300 -13.69 20.97 21.95
C LYS B 300 -12.67 20.75 23.07
N ASN B 301 -13.04 21.03 24.31
CA ASN B 301 -12.09 20.78 25.39
C ASN B 301 -11.75 19.30 25.49
N LEU B 302 -12.77 18.43 25.40
CA LEU B 302 -12.50 17.00 25.53
C LEU B 302 -11.66 16.49 24.36
N ILE B 303 -11.99 16.91 23.14
CA ILE B 303 -11.21 16.49 21.98
C ILE B 303 -9.74 16.83 22.16
N CYS B 304 -9.46 18.08 22.55
CA CYS B 304 -8.05 18.47 22.64
C CYS B 304 -7.39 17.90 23.88
N ALA B 305 -8.16 17.41 24.85
CA ALA B 305 -7.54 16.72 25.99
C ALA B 305 -7.08 15.31 25.62
N PHE B 306 -7.71 14.71 24.60
CA PHE B 306 -7.36 13.38 24.08
C PHE B 306 -6.25 13.45 23.05
N LEU B 307 -6.30 14.46 22.17
CA LEU B 307 -5.34 14.60 21.07
C LEU B 307 -4.13 15.44 21.53
N THR B 308 -3.47 14.94 22.56
CA THR B 308 -2.20 15.46 23.07
C THR B 308 -1.20 14.33 23.10
N ASP B 309 0.00 14.63 23.57
CA ASP B 309 0.98 13.57 23.75
C ASP B 309 0.61 12.78 25.00
N ARG B 310 1.07 11.52 25.01
CA ARG B 310 0.64 10.57 26.02
C ARG B 310 0.93 11.06 27.42
N GLU B 311 1.97 11.87 27.60
CA GLU B 311 2.40 12.29 28.93
C GLU B 311 1.34 13.11 29.65
N VAL B 312 0.55 13.90 28.90
CA VAL B 312 -0.52 14.72 29.47
C VAL B 312 -1.89 14.36 28.89
N ARG B 313 -2.05 13.17 28.32
CA ARG B 313 -3.30 12.82 27.67
C ARG B 313 -4.37 12.48 28.71
N LEU B 314 -5.57 13.02 28.52
CA LEU B 314 -6.69 12.60 29.36
C LEU B 314 -6.82 11.09 29.35
N GLY B 315 -6.84 10.51 30.56
CA GLY B 315 -6.86 9.07 30.74
C GLY B 315 -5.55 8.49 31.24
N ARG B 316 -4.47 9.27 31.22
CA ARG B 316 -3.18 8.75 31.71
C ARG B 316 -3.27 8.31 33.18
N ASN B 317 -4.08 8.98 33.98
CA ASN B 317 -4.21 8.71 35.41
C ASN B 317 -5.34 7.76 35.75
N GLY B 318 -5.85 7.04 34.76
CA GLY B 318 -6.96 6.16 34.98
C GLY B 318 -8.21 6.63 34.26
N VAL B 319 -9.18 5.73 34.17
CA VAL B 319 -10.36 6.07 33.37
C VAL B 319 -11.33 6.97 34.13
N GLU B 320 -11.12 7.17 35.43
CA GLU B 320 -12.02 8.02 36.22
C GLU B 320 -12.05 9.46 35.69
N GLU B 321 -10.89 9.99 35.29
CA GLU B 321 -10.85 11.39 34.87
C GLU B 321 -11.52 11.60 33.51
N ILE B 322 -11.65 10.55 32.70
CA ILE B 322 -12.47 10.68 31.50
C ILE B 322 -13.95 10.80 31.88
N ARG B 323 -14.40 9.94 32.81
CA ARG B 323 -15.83 9.93 33.19
C ARG B 323 -16.25 11.27 33.77
N GLN B 324 -15.38 11.92 34.53
CA GLN B 324 -15.70 13.15 35.24
C GLN B 324 -15.70 14.37 34.32
N HIS B 325 -15.31 14.24 33.05
CA HIS B 325 -15.21 15.40 32.19
C HIS B 325 -16.58 16.03 31.95
N PRO B 326 -16.71 17.35 32.05
CA PRO B 326 -18.02 17.99 31.95
C PRO B 326 -18.76 17.73 30.64
N PHE B 327 -18.06 17.34 29.57
CA PHE B 327 -18.75 17.02 28.33
C PHE B 327 -19.84 15.97 28.54
N PHE B 328 -19.61 15.03 29.45
CA PHE B 328 -20.48 13.88 29.62
C PHE B 328 -21.71 14.15 30.50
N LYS B 329 -21.90 15.37 30.99
CA LYS B 329 -23.07 15.65 31.82
C LYS B 329 -24.33 15.64 30.95
N ASN B 330 -25.36 14.97 31.44
CA ASN B 330 -26.56 14.72 30.64
C ASN B 330 -27.65 14.20 31.57
N ASP B 331 -28.87 14.11 31.02
CA ASP B 331 -30.04 13.72 31.78
C ASP B 331 -30.63 12.37 31.35
N GLN B 332 -29.93 11.60 30.52
CA GLN B 332 -30.49 10.34 30.05
C GLN B 332 -29.79 9.11 30.60
N TRP B 333 -28.53 9.21 31.01
CA TRP B 333 -27.81 8.02 31.42
C TRP B 333 -26.79 8.35 32.48
N HIS B 334 -26.42 7.34 33.25
CA HIS B 334 -25.29 7.36 34.16
C HIS B 334 -24.21 6.43 33.62
N TRP B 335 -22.98 6.64 34.09
CA TRP B 335 -21.89 5.78 33.67
C TRP B 335 -22.12 4.33 34.05
N ASP B 336 -22.76 4.07 35.18
CA ASP B 336 -22.93 2.72 35.65
C ASP B 336 -24.11 2.02 34.99
N ASN B 337 -24.92 2.72 34.16
CA ASN B 337 -26.15 2.09 33.67
C ASN B 337 -26.44 2.36 32.19
N ILE B 338 -25.50 2.92 31.43
CA ILE B 338 -25.79 3.41 30.09
C ILE B 338 -26.28 2.29 29.18
N ARG B 339 -25.74 1.08 29.35
CA ARG B 339 -26.20 0.05 28.45
C ARG B 339 -27.63 -0.40 28.76
N GLU B 340 -28.25 0.12 29.83
CA GLU B 340 -29.65 -0.15 30.13
C GLU B 340 -30.56 0.99 29.72
N THR B 341 -30.05 2.01 29.04
CA THR B 341 -30.88 3.14 28.65
C THR B 341 -31.18 3.09 27.16
N ALA B 342 -32.05 3.99 26.72
CA ALA B 342 -32.46 4.05 25.33
C ALA B 342 -31.34 4.60 24.44
N ALA B 343 -30.96 3.84 23.41
CA ALA B 343 -29.91 4.30 22.52
C ALA B 343 -30.45 5.37 21.57
N PRO B 344 -29.55 6.19 21.01
CA PRO B 344 -30.01 7.23 20.07
C PRO B 344 -30.70 6.70 18.83
N VAL B 345 -30.13 5.67 18.21
CA VAL B 345 -30.67 5.10 16.98
C VAL B 345 -30.93 3.62 17.22
N VAL B 346 -32.19 3.22 17.22
CA VAL B 346 -32.57 1.80 17.27
C VAL B 346 -32.90 1.34 15.85
N PRO B 347 -32.25 0.29 15.34
CA PRO B 347 -32.52 -0.12 13.95
C PRO B 347 -33.90 -0.75 13.79
N GLU B 348 -34.56 -0.37 12.69
CA GLU B 348 -35.82 -0.98 12.27
C GLU B 348 -35.49 -2.11 11.29
N LEU B 349 -35.83 -3.34 11.66
CA LEU B 349 -35.40 -4.51 10.92
C LEU B 349 -36.61 -5.29 10.41
N SER B 350 -36.57 -5.68 9.13
CA SER B 350 -37.69 -6.36 8.49
C SER B 350 -37.65 -7.88 8.57
N SER B 351 -36.49 -8.48 8.88
CA SER B 351 -36.34 -9.94 8.91
C SER B 351 -35.06 -10.25 9.69
N ASP B 352 -34.90 -11.53 10.04
CA ASP B 352 -33.68 -11.92 10.72
C ASP B 352 -32.44 -11.85 9.82
N ILE B 353 -32.60 -11.51 8.54
CA ILE B 353 -31.50 -11.34 7.62
C ILE B 353 -31.48 -9.93 7.00
N ASP B 354 -32.21 -8.99 7.57
CA ASP B 354 -32.11 -7.59 7.15
C ASP B 354 -30.67 -7.11 7.34
N SER B 355 -30.02 -6.71 6.26
CA SER B 355 -28.67 -6.18 6.31
C SER B 355 -28.60 -4.76 5.77
N SER B 356 -29.73 -4.06 5.84
CA SER B 356 -29.86 -2.74 5.23
C SER B 356 -28.88 -1.74 5.83
N ASN B 357 -28.34 -1.98 7.02
CA ASN B 357 -27.33 -1.09 7.59
C ASN B 357 -25.92 -1.44 7.19
N PHE B 358 -25.75 -2.30 6.18
CA PHE B 358 -24.45 -2.68 5.64
C PHE B 358 -24.47 -2.49 4.14
N ASP B 359 -23.47 -1.79 3.61
CA ASP B 359 -23.35 -1.60 2.17
C ASP B 359 -23.02 -2.90 1.46
N ASP B 360 -23.41 -2.98 0.20
CA ASP B 360 -23.01 -4.09 -0.65
C ASP B 360 -21.51 -4.02 -0.91
N ILE B 361 -20.92 -5.18 -1.24
CA ILE B 361 -19.50 -5.25 -1.47
C ILE B 361 -19.22 -6.03 -2.76
N GLU B 362 -18.24 -5.53 -3.53
CA GLU B 362 -17.92 -6.01 -4.87
C GLU B 362 -16.95 -7.18 -4.84
N GLU B 369 -6.84 -17.98 -5.22
CA GLU B 369 -5.52 -18.54 -5.48
C GLU B 369 -5.38 -19.87 -4.76
N THR B 370 -4.40 -20.69 -5.17
CA THR B 370 -4.25 -22.05 -4.65
C THR B 370 -2.81 -22.31 -4.23
N PHE B 371 -2.65 -23.27 -3.32
CA PHE B 371 -1.34 -23.57 -2.76
C PHE B 371 -0.45 -24.29 -3.76
N PRO B 372 0.86 -24.05 -3.72
CA PRO B 372 1.78 -24.86 -4.52
C PRO B 372 2.03 -26.21 -3.85
N ILE B 373 1.80 -27.29 -4.61
CA ILE B 373 2.15 -28.65 -4.19
C ILE B 373 3.62 -28.68 -3.80
N PRO B 374 3.98 -29.08 -2.59
CA PRO B 374 5.35 -28.92 -2.13
C PRO B 374 6.26 -30.06 -2.55
N LYS B 375 7.54 -29.73 -2.66
CA LYS B 375 8.58 -30.72 -2.94
C LYS B 375 9.31 -31.17 -1.69
N ALA B 376 9.37 -30.31 -0.67
CA ALA B 376 9.81 -30.61 0.68
C ALA B 376 8.68 -30.25 1.66
N PHE B 377 8.93 -30.50 2.95
CA PHE B 377 7.97 -30.10 3.98
C PHE B 377 7.93 -28.58 4.11
N VAL B 378 6.77 -27.99 3.85
CA VAL B 378 6.56 -26.56 3.96
C VAL B 378 5.87 -26.18 5.27
N GLY B 379 4.85 -26.93 5.69
CA GLY B 379 4.18 -26.65 6.95
C GLY B 379 3.17 -25.52 6.89
N ASN B 380 2.37 -25.47 5.81
CA ASN B 380 1.44 -24.35 5.64
C ASN B 380 0.30 -24.39 6.64
N GLN B 381 -0.06 -25.57 7.13
CA GLN B 381 -1.13 -25.69 8.11
C GLN B 381 -0.64 -25.52 9.54
N LEU B 382 0.69 -25.48 9.73
CA LEU B 382 1.22 -25.37 11.08
C LEU B 382 0.80 -24.07 11.75
N PRO B 383 0.73 -22.91 11.10
CA PRO B 383 0.32 -21.68 11.82
C PRO B 383 -1.14 -21.70 12.32
N PHE B 384 -2.00 -22.62 11.89
CA PHE B 384 -3.41 -22.58 12.26
C PHE B 384 -3.82 -23.64 13.29
N ILE B 385 -2.85 -24.33 13.88
CA ILE B 385 -3.10 -25.39 14.84
C ILE B 385 -3.56 -24.78 16.16
N GLY B 386 -4.72 -25.24 16.65
CA GLY B 386 -5.35 -24.70 17.84
C GLY B 386 -6.44 -23.67 17.59
N PHE B 387 -6.76 -23.38 16.32
CA PHE B 387 -7.77 -22.36 16.05
C PHE B 387 -9.17 -22.85 16.40
N THR B 388 -9.43 -24.14 16.18
CA THR B 388 -10.78 -24.68 16.34
C THR B 388 -11.31 -24.44 17.75
N TYR B 389 -12.57 -24.01 17.83
CA TYR B 389 -13.25 -23.75 19.10
C TYR B 389 -14.75 -23.94 18.93
N TYR B 390 -15.37 -24.68 19.83
CA TYR B 390 -16.82 -24.86 19.84
C TYR B 390 -17.34 -24.47 21.21
N ARG B 391 -18.20 -23.44 21.26
CA ARG B 391 -19.01 -23.16 22.44
C ARG B 391 -20.00 -24.31 22.62
#